data_8A8J
#
_entry.id   8A8J
#
_cell.length_a   1.00
_cell.length_b   1.00
_cell.length_c   1.00
_cell.angle_alpha   90.00
_cell.angle_beta   90.00
_cell.angle_gamma   90.00
#
_symmetry.space_group_name_H-M   'P 1'
#
loop_
_entity.id
_entity.type
_entity.pdbx_description
1 polymer 'DNA replication and repair protein RecF'
2 polymer Oligo1
3 polymer Oligo2
4 non-polymer 'PHOSPHOAMINOPHOSPHONIC ACID-ADENYLATE ESTER'
5 non-polymer 'MAGNESIUM ION'
#
loop_
_entity_poly.entity_id
_entity_poly.type
_entity_poly.pdbx_seq_one_letter_code
_entity_poly.pdbx_strand_id
1 'polypeptide(L)'
;SMRLLLFRQRNFRNLALEAYRPPPGLSALVGANAQGKTSLLLGIHLALGGEVPLGLADLVRFGEEEAWLHAEVETELGAY
RLEHRLGPGGREVLLNGKRVSLRTLWELPGSVLVSPLDLEAVLGPKEERRAYLDRLIARFSRRYAALLSAYEKALRQRNA
LLKAGGEGLSAWDRELARYGDEIVALRRRFLRRFAPILREVHAALAAKEAGLRLEETAGEGVLRALEASRAEERERGQTL
VGPHRDDLVFLLEGRPAHRFASRGEAKTLALALRLAEHRLLGEHHGEPPLLLVDEWGEELDEARRRAVLAYAQALPQAIL
AGLEAPPGVPVCSVVRGVVLCPGA
;
A,B
2 'polydeoxyribonucleotide'
;(DG)(DG)(DC)(DC)(DA)(DG)(DA)(DT)(DC)(DT)(DG)(DC)(DC)(DG)(DC)(DG)(DG)(DA)(DT)(DC)
(DC)(DG)(DC)(DG)(DC)
;
X
3 'polydeoxyribonucleotide'
;(DG)(DC)(DG)(DC)(DG)(DG)(DA)(DT)(DC)(DC)(DG)(DC)(DG)(DG)(DC)(DA)(DG)(DA)(DT)(DC)
(DT)(DG)(DG)(DC)(DC)(DT)(DG)(DA)(DT)(DT)(DG)(DC)(DG)(DG)(DT)(DA)(DC)(DA)(DG)(DA)
;
Y
#
loop_
_chem_comp.id
_chem_comp.type
_chem_comp.name
_chem_comp.formula
ANP non-polymer 'PHOSPHOAMINOPHOSPHONIC ACID-ADENYLATE ESTER' 'C10 H17 N6 O12 P3'
DA DNA linking 2'-DEOXYADENOSINE-5'-MONOPHOSPHATE 'C10 H14 N5 O6 P'
DC DNA linking 2'-DEOXYCYTIDINE-5'-MONOPHOSPHATE 'C9 H14 N3 O7 P'
DG DNA linking 2'-DEOXYGUANOSINE-5'-MONOPHOSPHATE 'C10 H14 N5 O7 P'
DT DNA linking THYMIDINE-5'-MONOPHOSPHATE 'C10 H15 N2 O8 P'
MG non-polymer 'MAGNESIUM ION' 'Mg 2'
#
# COMPACT_ATOMS: atom_id res chain seq x y z
N MET A 2 -20.79 24.64 -8.70
CA MET A 2 -21.22 25.08 -7.38
C MET A 2 -20.11 25.86 -6.68
N ARG A 3 -20.28 26.09 -5.37
CA ARG A 3 -19.31 26.85 -4.60
C ARG A 3 -19.42 26.45 -3.14
N LEU A 4 -18.29 26.57 -2.44
CA LEU A 4 -18.22 26.36 -1.00
C LEU A 4 -17.96 27.71 -0.33
N LEU A 5 -18.84 28.10 0.58
CA LEU A 5 -18.78 29.43 1.18
C LEU A 5 -18.31 29.43 2.63
N LEU A 6 -18.55 28.37 3.39
CA LEU A 6 -18.23 28.37 4.80
C LEU A 6 -18.06 26.93 5.28
N PHE A 7 -17.27 26.77 6.34
CA PHE A 7 -17.08 25.46 6.97
C PHE A 7 -16.79 25.67 8.44
N ARG A 8 -17.60 25.05 9.30
CA ARG A 8 -17.45 25.12 10.75
C ARG A 8 -17.52 23.73 11.34
N GLN A 9 -16.88 23.55 12.50
CA GLN A 9 -16.83 22.25 13.14
C GLN A 9 -17.15 22.40 14.62
N ARG A 10 -17.09 21.28 15.34
CA ARG A 10 -17.01 21.28 16.80
C ARG A 10 -16.48 19.91 17.23
N ASN A 11 -15.26 19.89 17.78
CA ASN A 11 -14.65 18.68 18.31
C ASN A 11 -14.55 17.58 17.25
N PHE A 12 -13.75 17.86 16.22
CA PHE A 12 -13.49 16.90 15.14
C PHE A 12 -11.98 16.69 15.06
N ARG A 13 -11.50 15.58 15.64
CA ARG A 13 -10.08 15.26 15.67
C ARG A 13 -9.27 16.41 16.26
N ASN A 14 -8.05 16.62 15.76
CA ASN A 14 -7.15 17.60 16.36
C ASN A 14 -7.49 19.03 15.99
N LEU A 15 -8.44 19.24 15.09
CA LEU A 15 -8.75 20.59 14.62
C LEU A 15 -9.29 21.45 15.75
N ALA A 16 -8.92 22.73 15.75
CA ALA A 16 -9.35 23.67 16.77
C ALA A 16 -9.91 24.96 16.19
N LEU A 17 -10.07 25.04 14.88
CA LEU A 17 -10.62 26.24 14.25
C LEU A 17 -12.13 26.29 14.45
N GLU A 18 -12.70 27.47 14.19
CA GLU A 18 -14.14 27.68 14.25
C GLU A 18 -14.77 27.94 12.89
N ALA A 19 -14.11 28.72 12.04
CA ALA A 19 -14.61 29.00 10.70
C ALA A 19 -13.46 28.98 9.72
N TYR A 20 -13.78 28.66 8.46
CA TYR A 20 -12.79 28.66 7.40
C TYR A 20 -13.49 28.95 6.08
N ARG A 21 -13.08 30.03 5.41
CA ARG A 21 -13.73 30.48 4.18
C ARG A 21 -12.78 30.39 3.00
N PRO A 22 -12.92 29.41 2.12
CA PRO A 22 -11.99 29.27 0.99
C PRO A 22 -12.37 30.20 -0.15
N PRO A 23 -11.39 30.89 -0.74
CA PRO A 23 -11.68 31.79 -1.85
C PRO A 23 -11.95 31.02 -3.12
N PRO A 24 -12.65 31.63 -4.08
CA PRO A 24 -12.84 30.97 -5.38
C PRO A 24 -11.55 30.92 -6.18
N GLY A 25 -11.43 29.90 -7.03
CA GLY A 25 -10.23 29.72 -7.81
C GLY A 25 -9.38 28.57 -7.34
N LEU A 26 -8.09 28.82 -7.12
CA LEU A 26 -7.15 27.80 -6.65
C LEU A 26 -6.50 28.30 -5.37
N SER A 27 -6.46 27.44 -4.35
CA SER A 27 -5.95 27.80 -3.03
C SER A 27 -4.78 26.87 -2.68
N ALA A 28 -4.31 26.97 -1.45
CA ALA A 28 -3.21 26.13 -0.99
C ALA A 28 -3.23 26.05 0.53
N LEU A 29 -2.47 25.09 1.06
CA LEU A 29 -2.30 24.90 2.49
C LEU A 29 -0.90 24.38 2.74
N VAL A 30 -0.15 25.06 3.60
CA VAL A 30 1.23 24.71 3.90
C VAL A 30 1.37 24.43 5.39
N GLY A 31 2.09 23.36 5.72
CA GLY A 31 2.30 23.00 7.11
C GLY A 31 3.41 22.00 7.24
N ALA A 32 3.71 21.66 8.49
CA ALA A 32 4.72 20.65 8.81
C ALA A 32 4.02 19.31 9.05
N ASN A 33 4.77 18.34 9.56
CA ASN A 33 4.19 17.04 9.91
C ASN A 33 3.29 17.19 11.14
N ALA A 34 2.16 16.48 11.11
CA ALA A 34 1.21 16.42 12.23
C ALA A 34 0.67 17.81 12.58
N GLN A 35 -0.04 18.41 11.64
CA GLN A 35 -0.63 19.74 11.84
C GLN A 35 -2.10 19.84 11.49
N GLY A 36 -2.66 18.95 10.68
CA GLY A 36 -4.08 18.98 10.42
C GLY A 36 -4.49 19.36 9.01
N LYS A 37 -3.72 18.94 8.01
CA LYS A 37 -4.11 19.13 6.61
C LYS A 37 -5.03 18.02 6.14
N THR A 38 -4.63 16.77 6.39
CA THR A 38 -5.48 15.63 6.07
C THR A 38 -6.78 15.70 6.85
N SER A 39 -6.72 16.14 8.11
CA SER A 39 -7.94 16.28 8.91
C SER A 39 -8.91 17.27 8.29
N LEU A 40 -8.40 18.42 7.84
CA LEU A 40 -9.28 19.42 7.24
C LEU A 40 -9.89 18.92 5.94
N LEU A 41 -9.08 18.33 5.06
CA LEU A 41 -9.62 17.81 3.81
C LEU A 41 -10.63 16.71 4.05
N LEU A 42 -10.35 15.82 5.00
CA LEU A 42 -11.26 14.74 5.34
C LEU A 42 -12.57 15.29 5.89
N GLY A 43 -12.49 16.33 6.74
CA GLY A 43 -13.69 16.93 7.27
C GLY A 43 -14.56 17.57 6.20
N ILE A 44 -13.94 18.29 5.27
CA ILE A 44 -14.71 18.88 4.17
C ILE A 44 -15.36 17.79 3.32
N HIS A 45 -14.59 16.74 3.01
CA HIS A 45 -15.12 15.65 2.20
C HIS A 45 -16.31 14.98 2.88
N LEU A 46 -16.22 14.75 4.20
CA LEU A 46 -17.33 14.13 4.92
C LEU A 46 -18.53 15.07 5.01
N ALA A 47 -18.30 16.36 5.26
CA ALA A 47 -19.40 17.31 5.39
C ALA A 47 -20.15 17.49 4.08
N LEU A 48 -19.47 17.39 2.94
CA LEU A 48 -20.15 17.56 1.66
C LEU A 48 -20.92 16.33 1.23
N GLY A 49 -20.84 15.24 1.99
CA GLY A 49 -21.63 14.06 1.71
C GLY A 49 -20.88 12.84 1.18
N GLY A 50 -19.57 12.74 1.42
CA GLY A 50 -18.79 11.62 0.94
C GLY A 50 -18.71 10.49 1.95
N GLU A 51 -17.79 9.57 1.69
CA GLU A 51 -17.55 8.41 2.54
C GLU A 51 -16.07 8.35 2.91
N VAL A 52 -15.80 8.01 4.16
CA VAL A 52 -14.44 8.04 4.69
C VAL A 52 -13.99 6.61 5.00
N PRO A 53 -12.74 6.24 4.68
CA PRO A 53 -12.27 4.89 5.02
C PRO A 53 -12.21 4.63 6.52
N LEU A 54 -12.01 5.65 7.35
CA LEU A 54 -11.84 5.45 8.77
C LEU A 54 -13.17 5.11 9.46
N GLY A 55 -13.07 4.62 10.69
CA GLY A 55 -14.25 4.31 11.47
C GLY A 55 -14.79 5.53 12.21
N LEU A 56 -16.08 5.48 12.51
CA LEU A 56 -16.78 6.62 13.08
C LEU A 56 -16.50 6.82 14.57
N ALA A 57 -15.85 5.88 15.23
CA ALA A 57 -15.46 6.06 16.62
C ALA A 57 -14.08 6.68 16.78
N ASP A 58 -13.26 6.66 15.72
CA ASP A 58 -11.93 7.24 15.74
C ASP A 58 -11.91 8.66 15.18
N LEU A 59 -13.08 9.21 14.83
CA LEU A 59 -13.19 10.53 14.25
C LEU A 59 -13.61 11.59 15.27
N VAL A 60 -13.55 11.28 16.56
CA VAL A 60 -13.98 12.18 17.60
C VAL A 60 -12.78 12.56 18.44
N ARG A 61 -12.79 13.79 18.98
CA ARG A 61 -11.71 14.27 19.82
C ARG A 61 -11.53 13.36 21.03
N PHE A 62 -10.27 13.14 21.41
CA PHE A 62 -9.95 12.25 22.52
C PHE A 62 -10.56 12.73 23.83
N GLY A 63 -11.55 12.00 24.35
CA GLY A 63 -12.19 12.33 25.60
C GLY A 63 -13.61 12.86 25.50
N GLU A 64 -14.20 12.88 24.31
CA GLU A 64 -15.54 13.41 24.11
C GLU A 64 -16.31 12.48 23.19
N GLU A 65 -17.63 12.69 23.12
CA GLU A 65 -18.52 11.96 22.22
C GLU A 65 -19.49 12.92 21.54
N GLU A 66 -18.96 14.01 20.99
CA GLU A 66 -19.79 14.97 20.26
C GLU A 66 -18.93 15.58 19.15
N ALA A 67 -19.24 15.22 17.91
CA ALA A 67 -18.59 15.80 16.74
C ALA A 67 -19.65 16.50 15.90
N TRP A 68 -19.29 17.69 15.39
CA TRP A 68 -20.22 18.51 14.63
C TRP A 68 -19.52 19.05 13.40
N LEU A 69 -20.17 18.96 12.25
CA LEU A 69 -19.64 19.47 10.99
C LEU A 69 -20.73 20.27 10.29
N HIS A 70 -20.39 21.48 9.88
CA HIS A 70 -21.36 22.40 9.27
C HIS A 70 -20.75 23.00 8.02
N ALA A 71 -21.49 22.94 6.91
CA ALA A 71 -21.01 23.45 5.64
C ALA A 71 -22.15 24.17 4.90
N GLU A 72 -21.82 25.25 4.23
CA GLU A 72 -22.77 26.01 3.43
C GLU A 72 -22.29 26.07 1.99
N VAL A 73 -23.15 25.64 1.06
CA VAL A 73 -22.80 25.61 -0.35
C VAL A 73 -23.74 26.52 -1.12
N GLU A 74 -23.55 26.63 -2.43
CA GLU A 74 -24.38 27.50 -3.27
C GLU A 74 -24.38 26.90 -4.66
N THR A 75 -25.47 26.21 -5.00
CA THR A 75 -25.65 25.62 -6.32
C THR A 75 -26.33 26.64 -7.24
N GLU A 76 -26.29 26.35 -8.55
CA GLU A 76 -26.92 27.24 -9.51
C GLU A 76 -28.42 27.38 -9.24
N LEU A 77 -29.08 26.28 -8.89
CA LEU A 77 -30.50 26.34 -8.57
C LEU A 77 -30.76 27.21 -7.34
N GLY A 78 -29.93 27.06 -6.31
CA GLY A 78 -30.11 27.85 -5.10
C GLY A 78 -29.10 27.43 -4.05
N ALA A 79 -29.14 28.13 -2.92
CA ALA A 79 -28.24 27.87 -1.82
C ALA A 79 -28.76 26.73 -0.96
N TYR A 80 -27.85 26.11 -0.21
CA TYR A 80 -28.19 24.98 0.66
C TYR A 80 -27.48 25.16 2.00
N ARG A 81 -27.65 24.18 2.87
CA ARG A 81 -27.05 24.21 4.20
C ARG A 81 -27.09 22.80 4.77
N LEU A 82 -25.93 22.25 5.11
CA LEU A 82 -25.82 20.89 5.60
C LEU A 82 -25.20 20.89 6.98
N GLU A 83 -25.65 19.98 7.83
CA GLU A 83 -25.09 19.80 9.16
C GLU A 83 -24.98 18.31 9.47
N HIS A 84 -23.96 17.96 10.25
CA HIS A 84 -23.69 16.58 10.63
C HIS A 84 -23.51 16.49 12.13
N ARG A 85 -23.79 15.31 12.69
CA ARG A 85 -23.58 15.04 14.10
C ARG A 85 -23.17 13.59 14.26
N LEU A 86 -21.97 13.36 14.78
CA LEU A 86 -21.41 12.02 14.95
C LEU A 86 -21.34 11.68 16.44
N GLY A 87 -21.86 10.52 16.80
CA GLY A 87 -21.87 10.10 18.18
C GLY A 87 -21.98 8.59 18.33
N PRO A 88 -22.63 8.15 19.41
CA PRO A 88 -22.76 6.70 19.62
C PRO A 88 -23.73 6.04 18.67
N GLY A 89 -24.88 6.67 18.43
CA GLY A 89 -25.86 6.08 17.52
C GLY A 89 -25.35 5.96 16.10
N GLY A 90 -24.66 6.99 15.62
CA GLY A 90 -24.09 6.98 14.31
C GLY A 90 -24.26 8.32 13.63
N ARG A 91 -24.06 8.31 12.32
CA ARG A 91 -24.16 9.53 11.52
C ARG A 91 -25.59 10.06 11.52
N GLU A 92 -25.71 11.39 11.50
CA GLU A 92 -27.01 12.06 11.40
C GLU A 92 -26.85 13.28 10.51
N VAL A 93 -27.75 13.42 9.54
CA VAL A 93 -27.65 14.43 8.49
C VAL A 93 -28.91 15.29 8.52
N LEU A 94 -28.72 16.60 8.45
CA LEU A 94 -29.82 17.56 8.33
C LEU A 94 -29.64 18.38 7.06
N LEU A 95 -30.73 18.56 6.31
CA LEU A 95 -30.73 19.35 5.09
C LEU A 95 -31.76 20.46 5.25
N ASN A 96 -31.28 21.68 5.47
CA ASN A 96 -32.14 22.84 5.70
C ASN A 96 -33.08 22.61 6.89
N GLY A 97 -32.55 22.00 7.95
CA GLY A 97 -33.28 21.84 9.19
C GLY A 97 -34.12 20.60 9.32
N LYS A 98 -34.20 19.76 8.28
CA LYS A 98 -35.02 18.56 8.32
C LYS A 98 -34.15 17.33 8.06
N ARG A 99 -34.38 16.28 8.84
CA ARG A 99 -33.60 15.06 8.71
C ARG A 99 -33.83 14.42 7.34
N VAL A 100 -32.79 13.77 6.82
CA VAL A 100 -32.84 13.13 5.52
C VAL A 100 -31.82 11.99 5.52
N SER A 101 -32.16 10.90 4.84
CA SER A 101 -31.26 9.76 4.74
C SER A 101 -30.06 10.10 3.86
N LEU A 102 -28.98 9.35 4.07
CA LEU A 102 -27.73 9.66 3.37
C LEU A 102 -27.83 9.38 1.88
N ARG A 103 -28.69 8.45 1.46
CA ARG A 103 -28.81 8.12 0.05
C ARG A 103 -29.31 9.29 -0.79
N THR A 104 -30.00 10.26 -0.17
CA THR A 104 -30.50 11.41 -0.92
C THR A 104 -29.35 12.25 -1.45
N LEU A 105 -28.29 12.42 -0.66
CA LEU A 105 -27.15 13.25 -1.06
C LEU A 105 -26.40 12.66 -2.26
N TRP A 106 -26.66 11.40 -2.61
CA TRP A 106 -26.00 10.79 -3.77
C TRP A 106 -26.34 11.52 -5.07
N GLU A 107 -27.46 12.23 -5.12
CA GLU A 107 -27.82 12.98 -6.32
C GLU A 107 -27.04 14.30 -6.42
N LEU A 108 -26.65 14.88 -5.29
CA LEU A 108 -25.91 16.13 -5.31
C LEU A 108 -24.51 15.93 -5.88
N PRO A 109 -23.91 16.97 -6.47
CA PRO A 109 -22.59 16.81 -7.11
C PRO A 109 -21.52 16.25 -6.18
N GLY A 110 -21.28 16.91 -5.05
CA GLY A 110 -20.33 16.39 -4.08
C GLY A 110 -18.92 16.88 -4.27
N SER A 111 -17.94 16.02 -3.99
CA SER A 111 -16.53 16.38 -4.08
C SER A 111 -15.74 15.19 -4.60
N VAL A 112 -14.46 15.43 -4.89
CA VAL A 112 -13.54 14.40 -5.34
C VAL A 112 -12.25 14.52 -4.53
N LEU A 113 -11.80 13.41 -3.95
CA LEU A 113 -10.62 13.39 -3.10
C LEU A 113 -9.54 12.53 -3.72
N VAL A 114 -8.33 13.07 -3.81
CA VAL A 114 -7.16 12.36 -4.32
C VAL A 114 -6.20 12.16 -3.15
N SER A 115 -5.85 10.91 -2.87
CA SER A 115 -5.11 10.54 -1.68
C SER A 115 -4.09 9.46 -2.03
N PRO A 116 -3.08 9.27 -1.18
CA PRO A 116 -2.04 8.27 -1.51
C PRO A 116 -2.55 6.86 -1.65
N LEU A 117 -3.66 6.50 -1.01
CA LEU A 117 -4.15 5.13 -1.14
C LEU A 117 -4.96 4.92 -2.42
N ASP A 118 -5.09 5.94 -3.27
CA ASP A 118 -5.56 5.73 -4.62
C ASP A 118 -4.49 5.13 -5.52
N LEU A 119 -3.24 5.08 -5.06
CA LEU A 119 -2.14 4.53 -5.84
C LEU A 119 -2.08 3.02 -5.78
N GLU A 120 -2.79 2.40 -4.83
CA GLU A 120 -2.80 0.95 -4.72
C GLU A 120 -3.66 0.27 -5.78
N ALA A 121 -4.62 0.99 -6.36
CA ALA A 121 -5.39 0.41 -7.45
C ALA A 121 -4.51 0.11 -8.66
N VAL A 122 -3.60 1.03 -8.99
CA VAL A 122 -2.76 0.85 -10.17
C VAL A 122 -1.75 -0.27 -9.95
N LEU A 123 -1.11 -0.30 -8.78
CA LEU A 123 -0.05 -1.26 -8.47
C LEU A 123 -0.55 -2.40 -7.60
N GLY A 124 -1.83 -2.76 -7.71
CA GLY A 124 -2.42 -3.73 -6.81
C GLY A 124 -2.69 -5.08 -7.46
N PRO A 125 -3.18 -6.02 -6.66
CA PRO A 125 -3.44 -7.38 -7.18
C PRO A 125 -4.61 -7.44 -8.15
N LYS A 126 -4.93 -8.67 -8.57
CA LYS A 126 -5.96 -8.88 -9.58
C LYS A 126 -7.33 -8.43 -9.10
N GLU A 127 -7.66 -8.68 -7.84
CA GLU A 127 -9.00 -8.38 -7.32
C GLU A 127 -9.20 -6.90 -7.04
N GLU A 128 -8.14 -6.19 -6.64
CA GLU A 128 -8.29 -4.78 -6.27
C GLU A 128 -8.66 -3.92 -7.47
N ARG A 129 -8.08 -4.20 -8.64
CA ARG A 129 -8.42 -3.43 -9.83
C ARG A 129 -9.86 -3.67 -10.25
N ARG A 130 -10.33 -4.91 -10.16
CA ARG A 130 -11.73 -5.21 -10.46
C ARG A 130 -12.67 -4.52 -9.48
N ALA A 131 -12.30 -4.51 -8.19
CA ALA A 131 -13.11 -3.80 -7.21
C ALA A 131 -13.17 -2.30 -7.50
N TYR A 132 -12.03 -1.71 -7.88
CA TYR A 132 -12.01 -0.31 -8.25
C TYR A 132 -12.92 -0.03 -9.44
N LEU A 133 -12.85 -0.88 -10.46
CA LEU A 133 -13.72 -0.70 -11.63
C LEU A 133 -15.19 -0.78 -11.23
N ASP A 134 -15.54 -1.75 -10.38
CA ASP A 134 -16.93 -1.92 -9.98
C ASP A 134 -17.43 -0.70 -9.21
N ARG A 135 -16.66 -0.22 -8.23
CA ARG A 135 -17.13 0.92 -7.46
C ARG A 135 -17.03 2.23 -8.25
N LEU A 136 -16.24 2.28 -9.32
CA LEU A 136 -16.27 3.44 -10.19
C LEU A 136 -17.54 3.45 -11.05
N ILE A 137 -17.90 2.30 -11.62
CA ILE A 137 -19.09 2.25 -12.44
C ILE A 137 -20.34 2.46 -11.59
N ALA A 138 -20.34 1.97 -10.36
CA ALA A 138 -21.52 2.06 -9.51
C ALA A 138 -21.85 3.50 -9.10
N ARG A 139 -20.97 4.46 -9.34
CA ARG A 139 -21.24 5.85 -9.02
C ARG A 139 -22.04 6.57 -10.10
N PHE A 140 -22.35 5.90 -11.21
CA PHE A 140 -23.13 6.49 -12.28
C PHE A 140 -24.45 5.79 -12.54
N SER A 141 -24.73 4.67 -11.88
CA SER A 141 -25.96 3.93 -12.10
C SER A 141 -26.23 3.02 -10.90
N ARG A 142 -27.50 2.85 -10.58
CA ARG A 142 -27.91 1.92 -9.52
C ARG A 142 -28.30 0.55 -10.05
N ARG A 143 -28.65 0.45 -11.34
CA ARG A 143 -28.88 -0.86 -11.94
C ARG A 143 -27.66 -1.74 -11.80
N TYR A 144 -26.46 -1.16 -11.87
CA TYR A 144 -25.25 -1.95 -11.70
C TYR A 144 -25.18 -2.55 -10.31
N ALA A 145 -25.53 -1.77 -9.28
CA ALA A 145 -25.50 -2.30 -7.92
C ALA A 145 -26.54 -3.40 -7.74
N ALA A 146 -27.75 -3.19 -8.26
CA ALA A 146 -28.79 -4.22 -8.13
C ALA A 146 -28.38 -5.52 -8.83
N LEU A 147 -27.84 -5.40 -10.04
CA LEU A 147 -27.41 -6.59 -10.79
C LEU A 147 -26.25 -7.28 -10.08
N LEU A 148 -25.32 -6.51 -9.51
CA LEU A 148 -24.21 -7.11 -8.79
C LEU A 148 -24.70 -7.93 -7.61
N SER A 149 -25.61 -7.36 -6.81
CA SER A 149 -26.10 -8.08 -5.64
C SER A 149 -26.86 -9.34 -6.05
N ALA A 150 -27.74 -9.23 -7.06
CA ALA A 150 -28.51 -10.38 -7.48
C ALA A 150 -27.60 -11.49 -8.02
N TYR A 151 -26.64 -11.13 -8.87
CA TYR A 151 -25.74 -12.12 -9.44
C TYR A 151 -24.92 -12.79 -8.34
N GLU A 152 -24.44 -12.02 -7.37
CA GLU A 152 -23.64 -12.59 -6.29
C GLU A 152 -24.45 -13.62 -5.51
N LYS A 153 -25.69 -13.29 -5.15
CA LYS A 153 -26.49 -14.24 -4.39
C LYS A 153 -26.80 -15.50 -5.20
N ALA A 154 -27.14 -15.33 -6.48
CA ALA A 154 -27.45 -16.49 -7.31
C ALA A 154 -26.23 -17.40 -7.47
N LEU A 155 -25.05 -16.81 -7.67
CA LEU A 155 -23.84 -17.61 -7.78
C LEU A 155 -23.54 -18.35 -6.49
N ARG A 156 -23.72 -17.68 -5.34
CA ARG A 156 -23.47 -18.36 -4.07
C ARG A 156 -24.39 -19.56 -3.90
N GLN A 157 -25.67 -19.40 -4.23
CA GLN A 157 -26.60 -20.52 -4.12
C GLN A 157 -26.23 -21.65 -5.07
N ARG A 158 -25.85 -21.32 -6.31
CA ARG A 158 -25.48 -22.35 -7.28
C ARG A 158 -24.25 -23.12 -6.82
N ASN A 159 -23.23 -22.42 -6.31
CA ASN A 159 -22.04 -23.11 -5.80
C ASN A 159 -22.38 -23.99 -4.61
N ALA A 160 -23.23 -23.50 -3.70
CA ALA A 160 -23.62 -24.30 -2.55
C ALA A 160 -24.31 -25.59 -2.99
N LEU A 161 -25.20 -25.49 -3.98
CA LEU A 161 -25.86 -26.69 -4.48
C LEU A 161 -24.85 -27.62 -5.16
N LEU A 162 -23.94 -27.07 -5.96
CA LEU A 162 -23.02 -27.91 -6.71
C LEU A 162 -22.04 -28.64 -5.82
N LYS A 163 -21.63 -28.04 -4.70
CA LYS A 163 -20.64 -28.67 -3.82
C LYS A 163 -21.16 -29.93 -3.16
N ALA A 164 -22.46 -30.19 -3.19
CA ALA A 164 -23.06 -31.37 -2.56
C ALA A 164 -23.69 -32.24 -3.64
N GLY A 165 -22.90 -33.14 -4.20
CA GLY A 165 -23.42 -34.04 -5.23
C GLY A 165 -23.83 -33.29 -6.47
N GLY A 166 -25.06 -33.56 -6.93
CA GLY A 166 -25.59 -32.89 -8.10
C GLY A 166 -27.10 -32.97 -8.14
N GLU A 167 -27.70 -31.99 -8.79
CA GLU A 167 -29.16 -31.88 -8.89
C GLU A 167 -29.48 -31.26 -10.25
N GLY A 168 -30.71 -30.76 -10.38
CA GLY A 168 -31.14 -30.11 -11.61
C GLY A 168 -30.59 -28.70 -11.75
N LEU A 169 -29.31 -28.61 -12.06
CA LEU A 169 -28.63 -27.31 -12.14
C LEU A 169 -29.18 -26.43 -13.25
N SER A 170 -29.88 -27.00 -14.23
CA SER A 170 -30.34 -26.22 -15.37
C SER A 170 -31.27 -25.08 -14.94
N ALA A 171 -31.94 -25.23 -13.80
CA ALA A 171 -32.77 -24.14 -13.30
C ALA A 171 -31.94 -23.01 -12.73
N TRP A 172 -30.67 -23.26 -12.40
CA TRP A 172 -29.80 -22.25 -11.82
C TRP A 172 -28.84 -21.63 -12.83
N ASP A 173 -28.60 -22.29 -13.97
CA ASP A 173 -27.75 -21.70 -14.99
C ASP A 173 -28.43 -20.54 -15.68
N ARG A 174 -29.75 -20.62 -15.86
CA ARG A 174 -30.47 -19.58 -16.61
C ARG A 174 -30.55 -18.28 -15.83
N GLU A 175 -30.78 -18.35 -14.52
CA GLU A 175 -30.91 -17.13 -13.73
C GLU A 175 -29.59 -16.37 -13.65
N LEU A 176 -28.47 -17.08 -13.53
CA LEU A 176 -27.16 -16.44 -13.45
C LEU A 176 -26.77 -15.80 -14.79
N ALA A 177 -27.17 -16.44 -15.90
CA ALA A 177 -26.76 -15.96 -17.21
C ALA A 177 -27.31 -14.57 -17.50
N ARG A 178 -28.55 -14.30 -17.08
CA ARG A 178 -29.16 -12.99 -17.34
C ARG A 178 -28.35 -11.86 -16.70
N TYR A 179 -28.07 -11.99 -15.40
CA TYR A 179 -27.31 -10.97 -14.71
C TYR A 179 -25.90 -10.85 -15.28
N GLY A 180 -25.27 -11.99 -15.58
CA GLY A 180 -23.93 -11.94 -16.15
C GLY A 180 -23.88 -11.20 -17.48
N ASP A 181 -24.84 -11.47 -18.36
CA ASP A 181 -24.88 -10.82 -19.66
C ASP A 181 -25.12 -9.32 -19.51
N GLU A 182 -26.05 -8.93 -18.63
CA GLU A 182 -26.30 -7.51 -18.41
C GLU A 182 -25.05 -6.82 -17.87
N ILE A 183 -24.35 -7.48 -16.94
CA ILE A 183 -23.16 -6.89 -16.33
C ILE A 183 -22.08 -6.67 -17.38
N VAL A 184 -21.81 -7.67 -18.22
CA VAL A 184 -20.75 -7.51 -19.20
C VAL A 184 -21.12 -6.46 -20.24
N ALA A 185 -22.41 -6.40 -20.64
CA ALA A 185 -22.82 -5.37 -21.58
C ALA A 185 -22.60 -3.97 -21.02
N LEU A 186 -22.99 -3.75 -19.76
CA LEU A 186 -22.81 -2.43 -19.15
C LEU A 186 -21.33 -2.09 -19.02
N ARG A 187 -20.50 -3.08 -18.64
CA ARG A 187 -19.06 -2.80 -18.52
C ARG A 187 -18.46 -2.38 -19.86
N ARG A 188 -18.81 -3.09 -20.93
CA ARG A 188 -18.29 -2.72 -22.25
C ARG A 188 -18.78 -1.32 -22.64
N ARG A 189 -20.05 -1.03 -22.39
CA ARG A 189 -20.58 0.29 -22.73
C ARG A 189 -19.85 1.40 -22.00
N PHE A 190 -19.54 1.20 -20.72
CA PHE A 190 -18.85 2.24 -19.97
C PHE A 190 -17.40 2.39 -20.42
N LEU A 191 -16.70 1.28 -20.64
CA LEU A 191 -15.30 1.36 -21.04
C LEU A 191 -15.12 1.88 -22.45
N ARG A 192 -16.15 1.78 -23.30
CA ARG A 192 -16.05 2.35 -24.64
C ARG A 192 -16.05 3.87 -24.62
N ARG A 193 -16.39 4.49 -23.49
CA ARG A 193 -16.38 5.94 -23.35
C ARG A 193 -15.37 6.46 -22.35
N PHE A 194 -14.96 5.64 -21.38
CA PHE A 194 -14.00 6.12 -20.39
C PHE A 194 -12.58 6.23 -20.94
N ALA A 195 -12.27 5.58 -22.06
CA ALA A 195 -10.89 5.48 -22.54
C ALA A 195 -10.39 6.73 -23.27
N PRO A 196 -11.14 7.30 -24.23
CA PRO A 196 -10.64 8.51 -24.89
C PRO A 196 -10.39 9.67 -23.95
N ILE A 197 -11.25 9.85 -22.94
CA ILE A 197 -11.06 10.93 -21.98
C ILE A 197 -9.80 10.71 -21.17
N LEU A 198 -9.56 9.47 -20.73
CA LEU A 198 -8.35 9.18 -19.97
C LEU A 198 -7.10 9.44 -20.80
N ARG A 199 -7.09 8.99 -22.06
CA ARG A 199 -5.93 9.22 -22.90
C ARG A 199 -5.69 10.71 -23.12
N GLU A 200 -6.76 11.47 -23.40
CA GLU A 200 -6.61 12.89 -23.65
C GLU A 200 -6.12 13.63 -22.41
N VAL A 201 -6.61 13.25 -21.23
CA VAL A 201 -6.20 13.92 -20.01
C VAL A 201 -4.74 13.59 -19.68
N HIS A 202 -4.36 12.32 -19.79
CA HIS A 202 -2.98 11.95 -19.50
C HIS A 202 -2.00 12.49 -20.54
N ALA A 203 -2.48 12.84 -21.73
CA ALA A 203 -1.59 13.41 -22.73
C ALA A 203 -1.11 14.81 -22.38
N ALA A 204 -1.67 15.43 -21.35
CA ALA A 204 -1.29 16.79 -20.95
C ALA A 204 -0.41 16.85 -19.72
N LEU A 205 -0.20 15.72 -19.03
CA LEU A 205 0.63 15.70 -17.84
C LEU A 205 1.97 15.00 -18.03
N ALA A 206 2.11 14.18 -19.07
CA ALA A 206 3.34 13.44 -19.33
C ALA A 206 3.49 13.27 -20.84
N ALA A 207 4.36 12.35 -21.24
CA ALA A 207 4.67 12.14 -22.65
C ALA A 207 4.19 10.80 -23.20
N LYS A 208 4.12 9.76 -22.38
CA LYS A 208 3.78 8.42 -22.86
C LYS A 208 2.27 8.33 -23.10
N GLU A 209 1.80 7.12 -23.37
CA GLU A 209 0.41 6.85 -23.71
C GLU A 209 -0.20 5.88 -22.71
N ALA A 210 -1.47 6.10 -22.38
CA ALA A 210 -2.19 5.26 -21.43
C ALA A 210 -3.33 4.54 -22.13
N GLY A 211 -3.71 3.39 -21.60
CA GLY A 211 -4.79 2.61 -22.17
C GLY A 211 -5.40 1.69 -21.15
N LEU A 212 -6.43 0.96 -21.59
CA LEU A 212 -7.14 0.01 -20.74
C LEU A 212 -7.40 -1.27 -21.53
N ARG A 213 -7.44 -2.39 -20.81
CA ARG A 213 -7.68 -3.68 -21.42
C ARG A 213 -8.50 -4.55 -20.48
N LEU A 214 -9.64 -5.05 -20.97
CA LEU A 214 -10.53 -5.90 -20.21
C LEU A 214 -10.52 -7.29 -20.84
N GLU A 215 -10.16 -8.30 -20.05
CA GLU A 215 -10.10 -9.68 -20.52
C GLU A 215 -11.28 -10.45 -19.94
N GLU A 216 -12.00 -11.17 -20.81
CA GLU A 216 -13.26 -11.80 -20.45
C GLU A 216 -13.18 -13.31 -20.66
N THR A 217 -13.79 -14.06 -19.75
CA THR A 217 -13.90 -15.50 -19.87
C THR A 217 -15.21 -15.97 -20.48
N ALA A 218 -16.21 -15.09 -20.58
CA ALA A 218 -17.52 -15.42 -21.14
C ALA A 218 -17.97 -14.34 -22.12
N GLY A 219 -17.07 -13.95 -23.01
CA GLY A 219 -17.41 -12.94 -23.99
C GLY A 219 -18.47 -13.39 -24.98
N GLU A 220 -18.34 -14.62 -25.49
CA GLU A 220 -19.30 -15.11 -26.47
C GLU A 220 -20.68 -15.34 -25.86
N GLY A 221 -20.72 -15.89 -24.64
CA GLY A 221 -21.98 -16.13 -23.96
C GLY A 221 -21.80 -16.93 -22.69
N VAL A 222 -22.62 -16.63 -21.67
CA VAL A 222 -22.46 -17.31 -20.39
C VAL A 222 -22.91 -18.76 -20.50
N LEU A 223 -24.04 -19.01 -21.17
CA LEU A 223 -24.54 -20.37 -21.29
C LEU A 223 -23.59 -21.26 -22.07
N ARG A 224 -23.02 -20.72 -23.16
CA ARG A 224 -22.09 -21.51 -23.97
C ARG A 224 -20.86 -21.90 -23.16
N ALA A 225 -20.30 -20.96 -22.40
CA ALA A 225 -19.13 -21.28 -21.59
C ALA A 225 -19.47 -22.24 -20.46
N LEU A 226 -20.65 -22.07 -19.85
CA LEU A 226 -21.08 -23.00 -18.80
C LEU A 226 -21.22 -24.40 -19.33
N GLU A 227 -21.77 -24.55 -20.53
CA GLU A 227 -21.86 -25.87 -21.16
C GLU A 227 -20.47 -26.42 -21.47
N ALA A 228 -19.57 -25.55 -21.96
CA ALA A 228 -18.24 -26.02 -22.36
C ALA A 228 -17.44 -26.53 -21.16
N SER A 229 -17.49 -25.83 -20.03
CA SER A 229 -16.65 -26.14 -18.89
C SER A 229 -17.35 -27.05 -17.87
N ARG A 230 -18.26 -27.90 -18.32
CA ARG A 230 -19.08 -28.70 -17.41
C ARG A 230 -18.24 -29.68 -16.62
N ALA A 231 -17.35 -30.41 -17.29
CA ALA A 231 -16.54 -31.41 -16.60
C ALA A 231 -15.63 -30.78 -15.56
N GLU A 232 -14.99 -29.66 -15.92
CA GLU A 232 -14.11 -28.98 -14.98
C GLU A 232 -14.89 -28.43 -13.79
N GLU A 233 -16.07 -27.85 -14.04
CA GLU A 233 -16.88 -27.33 -12.94
C GLU A 233 -17.30 -28.45 -12.01
N ARG A 234 -17.72 -29.60 -12.57
CA ARG A 234 -18.15 -30.71 -11.73
C ARG A 234 -16.99 -31.29 -10.93
N GLU A 235 -15.82 -31.44 -11.54
CA GLU A 235 -14.69 -32.05 -10.84
C GLU A 235 -14.14 -31.11 -9.77
N ARG A 236 -13.96 -29.83 -10.11
CA ARG A 236 -13.40 -28.88 -9.14
C ARG A 236 -14.43 -28.51 -8.09
N GLY A 237 -15.67 -28.27 -8.50
CA GLY A 237 -16.73 -27.91 -7.58
C GLY A 237 -17.07 -26.43 -7.52
N GLN A 238 -16.46 -25.60 -8.35
CA GLN A 238 -16.71 -24.17 -8.37
C GLN A 238 -16.95 -23.70 -9.78
N THR A 239 -17.83 -22.71 -9.94
CA THR A 239 -18.06 -22.10 -11.24
C THR A 239 -16.80 -21.35 -11.66
N LEU A 240 -16.19 -21.78 -12.76
CA LEU A 240 -14.92 -21.24 -13.22
C LEU A 240 -15.05 -20.19 -14.30
N VAL A 241 -16.28 -19.79 -14.65
CA VAL A 241 -16.54 -18.84 -15.72
C VAL A 241 -17.56 -17.82 -15.23
N GLY A 242 -17.28 -16.54 -15.48
CA GLY A 242 -18.25 -15.51 -15.21
C GLY A 242 -17.66 -14.12 -15.12
N PRO A 243 -18.52 -13.12 -14.95
CA PRO A 243 -18.03 -11.75 -14.76
C PRO A 243 -17.21 -11.56 -13.49
N HIS A 244 -17.27 -12.46 -12.53
CA HIS A 244 -16.43 -12.38 -11.34
C HIS A 244 -15.02 -12.90 -11.58
N ARG A 245 -14.64 -13.12 -12.84
CA ARG A 245 -13.33 -13.62 -13.21
C ARG A 245 -12.75 -12.79 -14.35
N ASP A 246 -12.82 -11.47 -14.24
CA ASP A 246 -12.33 -10.60 -15.29
C ASP A 246 -10.97 -10.00 -14.90
N ASP A 247 -10.37 -9.30 -15.85
CA ASP A 247 -9.08 -8.64 -15.67
C ASP A 247 -9.17 -7.20 -16.14
N LEU A 248 -8.58 -6.29 -15.36
CA LEU A 248 -8.40 -4.91 -15.78
C LEU A 248 -6.92 -4.58 -15.65
N VAL A 249 -6.29 -4.23 -16.77
CA VAL A 249 -4.86 -3.98 -16.84
C VAL A 249 -4.63 -2.58 -17.34
N PHE A 250 -3.74 -1.85 -16.67
CA PHE A 250 -3.38 -0.48 -17.04
C PHE A 250 -2.08 -0.53 -17.82
N LEU A 251 -2.09 -0.03 -19.05
CA LEU A 251 -0.95 -0.11 -19.95
C LEU A 251 -0.29 1.25 -20.05
N LEU A 252 1.04 1.26 -19.92
CA LEU A 252 1.86 2.46 -20.14
C LEU A 252 2.78 2.16 -21.31
N GLU A 253 2.46 2.74 -22.47
CA GLU A 253 3.21 2.50 -23.71
C GLU A 253 3.21 1.03 -24.11
N GLY A 254 2.15 0.30 -23.75
CA GLY A 254 1.95 -1.05 -24.22
C GLY A 254 2.33 -2.16 -23.27
N ARG A 255 2.76 -1.83 -22.05
CA ARG A 255 3.15 -2.86 -21.10
C ARG A 255 2.47 -2.61 -19.76
N PRO A 256 2.10 -3.67 -19.03
CA PRO A 256 1.32 -3.49 -17.80
C PRO A 256 2.06 -2.63 -16.77
N ALA A 257 1.29 -1.82 -16.06
CA ALA A 257 1.83 -0.85 -15.13
C ALA A 257 2.11 -1.42 -13.75
N HIS A 258 1.57 -2.59 -13.41
CA HIS A 258 1.87 -3.17 -12.10
C HIS A 258 3.23 -3.84 -12.06
N ARG A 259 3.88 -4.01 -13.21
CA ARG A 259 5.23 -4.54 -13.27
C ARG A 259 6.23 -3.53 -13.82
N PHE A 260 5.99 -3.00 -15.00
CA PHE A 260 6.97 -2.14 -15.69
C PHE A 260 6.59 -0.68 -15.51
N ALA A 261 6.83 -0.16 -14.31
CA ALA A 261 6.49 1.23 -14.03
C ALA A 261 7.23 1.70 -12.78
N SER A 262 7.47 3.01 -12.72
CA SER A 262 8.12 3.62 -11.57
C SER A 262 7.10 4.37 -10.72
N ARG A 263 7.58 5.09 -9.71
CA ARG A 263 6.67 5.74 -8.77
C ARG A 263 6.01 6.98 -9.39
N GLY A 264 6.79 7.81 -10.08
CA GLY A 264 6.22 9.02 -10.67
C GLY A 264 5.20 8.72 -11.75
N GLU A 265 5.48 7.72 -12.59
CA GLU A 265 4.52 7.34 -13.63
C GLU A 265 3.23 6.81 -13.01
N ALA A 266 3.35 6.01 -11.94
CA ALA A 266 2.16 5.50 -11.26
C ALA A 266 1.34 6.62 -10.65
N LYS A 267 2.01 7.60 -10.03
CA LYS A 267 1.30 8.75 -9.46
C LYS A 267 0.57 9.53 -10.54
N THR A 268 1.23 9.75 -11.68
CA THR A 268 0.58 10.47 -12.77
C THR A 268 -0.61 9.70 -13.32
N LEU A 269 -0.50 8.37 -13.41
CA LEU A 269 -1.63 7.55 -13.84
C LEU A 269 -2.81 7.68 -12.89
N ALA A 270 -2.54 7.60 -11.57
CA ALA A 270 -3.62 7.71 -10.60
C ALA A 270 -4.30 9.07 -10.67
N LEU A 271 -3.51 10.14 -10.77
CA LEU A 271 -4.08 11.47 -10.85
C LEU A 271 -4.89 11.64 -12.13
N ALA A 272 -4.41 11.08 -13.25
CA ALA A 272 -5.15 11.16 -14.50
C ALA A 272 -6.47 10.40 -14.41
N LEU A 273 -6.48 9.25 -13.74
CA LEU A 273 -7.73 8.52 -13.56
C LEU A 273 -8.73 9.34 -12.74
N ARG A 274 -8.27 9.96 -11.66
CA ARG A 274 -9.17 10.76 -10.84
C ARG A 274 -9.71 11.97 -11.62
N LEU A 275 -8.84 12.62 -12.41
CA LEU A 275 -9.29 13.77 -13.18
C LEU A 275 -10.27 13.36 -14.28
N ALA A 276 -10.05 12.20 -14.90
CA ALA A 276 -11.01 11.71 -15.90
C ALA A 276 -12.36 11.43 -15.26
N GLU A 277 -12.37 10.81 -14.08
CA GLU A 277 -13.63 10.59 -13.38
C GLU A 277 -14.30 11.91 -13.04
N HIS A 278 -13.51 12.90 -12.61
CA HIS A 278 -14.07 14.22 -12.28
C HIS A 278 -14.71 14.87 -13.50
N ARG A 279 -14.05 14.79 -14.66
CA ARG A 279 -14.61 15.39 -15.87
C ARG A 279 -15.88 14.67 -16.32
N LEU A 280 -15.87 13.34 -16.30
CA LEU A 280 -17.07 12.59 -16.69
C LEU A 280 -18.23 12.88 -15.74
N LEU A 281 -17.94 12.95 -14.44
CA LEU A 281 -18.99 13.24 -13.47
C LEU A 281 -19.53 14.64 -13.65
N GLY A 282 -18.67 15.61 -13.94
CA GLY A 282 -19.14 16.95 -14.23
C GLY A 282 -20.03 17.01 -15.46
N GLU A 283 -19.69 16.23 -16.49
CA GLU A 283 -20.57 16.14 -17.66
C GLU A 283 -21.91 15.50 -17.31
N HIS A 284 -21.89 14.50 -16.42
CA HIS A 284 -23.10 13.75 -16.12
C HIS A 284 -24.11 14.59 -15.33
N HIS A 285 -23.65 15.28 -14.28
CA HIS A 285 -24.57 16.05 -13.45
C HIS A 285 -24.90 17.39 -14.07
N GLY A 286 -23.88 18.19 -14.39
CA GLY A 286 -24.08 19.53 -14.91
C GLY A 286 -23.13 20.53 -14.30
N GLU A 287 -22.74 20.29 -13.05
CA GLU A 287 -21.80 21.15 -12.33
C GLU A 287 -20.62 20.31 -11.87
N PRO A 288 -19.39 20.65 -12.25
CA PRO A 288 -18.23 19.86 -11.80
C PRO A 288 -18.10 19.89 -10.29
N PRO A 289 -17.83 18.74 -9.67
CA PRO A 289 -17.66 18.70 -8.22
C PRO A 289 -16.36 19.35 -7.77
N LEU A 290 -16.34 19.76 -6.50
CA LEU A 290 -15.13 20.33 -5.93
C LEU A 290 -14.02 19.30 -5.91
N LEU A 291 -12.79 19.76 -6.15
CA LEU A 291 -11.63 18.90 -6.22
C LEU A 291 -10.70 19.16 -5.04
N LEU A 292 -10.34 18.10 -4.32
CA LEU A 292 -9.46 18.19 -3.15
C LEU A 292 -8.28 17.26 -3.38
N VAL A 293 -7.07 17.80 -3.30
CA VAL A 293 -5.84 17.05 -3.56
C VAL A 293 -4.92 17.16 -2.35
N ASP A 294 -4.39 16.02 -1.90
CA ASP A 294 -3.48 15.96 -0.77
C ASP A 294 -2.10 15.60 -1.28
N GLU A 295 -1.08 16.36 -0.84
CA GLU A 295 0.30 16.26 -1.32
C GLU A 295 0.36 16.12 -2.84
N TRP A 296 -0.04 17.19 -3.53
CA TRP A 296 -0.12 17.17 -4.99
C TRP A 296 1.22 16.81 -5.64
N GLY A 297 2.31 17.38 -5.14
CA GLY A 297 3.59 17.23 -5.82
C GLY A 297 4.69 16.63 -4.98
N GLU A 298 4.38 15.59 -4.20
CA GLU A 298 5.34 15.08 -3.23
C GLU A 298 6.52 14.39 -3.90
N GLU A 299 6.25 13.49 -4.85
CA GLU A 299 7.33 12.68 -5.43
C GLU A 299 7.47 12.90 -6.93
N LEU A 300 7.45 14.16 -7.36
CA LEU A 300 7.56 14.50 -8.76
C LEU A 300 8.69 15.50 -8.97
N ASP A 301 9.21 15.55 -10.19
CA ASP A 301 10.22 16.53 -10.54
C ASP A 301 9.55 17.82 -11.01
N GLU A 302 10.37 18.80 -11.40
CA GLU A 302 9.87 20.15 -11.65
C GLU A 302 8.88 20.17 -12.81
N ALA A 303 9.18 19.46 -13.88
CA ALA A 303 8.34 19.51 -15.08
C ALA A 303 6.94 18.95 -14.82
N ARG A 304 6.86 17.81 -14.12
CA ARG A 304 5.57 17.17 -13.91
C ARG A 304 4.66 18.02 -13.03
N ARG A 305 5.21 18.58 -11.95
CA ARG A 305 4.35 19.39 -11.10
C ARG A 305 4.06 20.76 -11.70
N ARG A 306 4.95 21.28 -12.56
CA ARG A 306 4.59 22.46 -13.35
C ARG A 306 3.39 22.16 -14.25
N ALA A 307 3.39 20.99 -14.89
CA ALA A 307 2.26 20.60 -15.72
C ALA A 307 0.99 20.43 -14.90
N VAL A 308 1.10 19.82 -13.72
CA VAL A 308 -0.06 19.62 -12.86
C VAL A 308 -0.65 20.96 -12.44
N LEU A 309 0.22 21.90 -12.04
CA LEU A 309 -0.25 23.22 -11.63
C LEU A 309 -0.90 23.96 -12.80
N ALA A 310 -0.30 23.86 -13.99
CA ALA A 310 -0.87 24.52 -15.17
C ALA A 310 -2.24 23.96 -15.51
N TYR A 311 -2.42 22.65 -15.35
CA TYR A 311 -3.73 22.06 -15.59
C TYR A 311 -4.74 22.50 -14.53
N ALA A 312 -4.34 22.47 -13.25
CA ALA A 312 -5.25 22.80 -12.18
C ALA A 312 -5.63 24.28 -12.14
N GLN A 313 -4.85 25.14 -12.79
CA GLN A 313 -5.16 26.57 -12.80
C GLN A 313 -6.44 26.90 -13.56
N ALA A 314 -6.99 25.97 -14.33
CA ALA A 314 -8.16 26.24 -15.16
C ALA A 314 -9.46 25.64 -14.61
N LEU A 315 -9.49 25.28 -13.30
CA LEU A 315 -10.67 24.68 -12.70
C LEU A 315 -11.52 25.72 -11.97
N PRO A 316 -12.84 25.52 -11.92
CA PRO A 316 -13.69 26.49 -11.20
C PRO A 316 -13.36 26.61 -9.72
N GLN A 317 -12.98 25.51 -9.07
CA GLN A 317 -12.55 25.57 -7.67
C GLN A 317 -11.77 24.31 -7.35
N ALA A 318 -10.61 24.48 -6.73
CA ALA A 318 -9.76 23.37 -6.32
C ALA A 318 -8.89 23.80 -5.16
N ILE A 319 -8.59 22.87 -4.27
CA ILE A 319 -7.76 23.13 -3.09
C ILE A 319 -6.63 22.12 -3.06
N LEU A 320 -5.40 22.62 -2.95
CA LEU A 320 -4.21 21.78 -2.91
C LEU A 320 -3.55 21.92 -1.53
N ALA A 321 -3.00 20.83 -1.03
CA ALA A 321 -2.33 20.84 0.26
C ALA A 321 -0.99 20.14 0.17
N GLY A 322 -0.01 20.63 0.92
CA GLY A 322 1.31 20.03 0.90
C GLY A 322 2.25 20.78 1.80
N LEU A 323 3.49 20.29 1.86
CA LEU A 323 4.52 20.91 2.68
C LEU A 323 5.05 22.20 2.08
N GLU A 324 4.85 22.43 0.79
CA GLU A 324 5.37 23.59 0.10
C GLU A 324 4.26 24.29 -0.66
N ALA A 325 4.53 25.53 -1.06
CA ALA A 325 3.49 26.32 -1.69
C ALA A 325 3.70 26.39 -3.20
N PRO A 326 2.61 26.44 -3.96
CA PRO A 326 2.72 26.70 -5.40
C PRO A 326 2.97 28.17 -5.67
N PRO A 327 3.91 28.50 -6.55
CA PRO A 327 4.22 29.92 -6.80
C PRO A 327 3.10 30.61 -7.56
N GLY A 328 2.57 31.67 -6.98
CA GLY A 328 1.58 32.50 -7.64
C GLY A 328 0.15 32.32 -7.19
N VAL A 329 -0.11 31.54 -6.13
CA VAL A 329 -1.46 31.29 -5.67
C VAL A 329 -1.58 31.68 -4.19
N PRO A 330 -2.78 32.04 -3.72
CA PRO A 330 -2.93 32.34 -2.29
C PRO A 330 -2.67 31.11 -1.43
N VAL A 331 -2.11 31.34 -0.24
CA VAL A 331 -1.72 30.27 0.66
C VAL A 331 -2.29 30.53 2.04
N CYS A 332 -2.43 29.44 2.80
CA CYS A 332 -2.85 29.51 4.19
C CYS A 332 -1.99 28.55 5.00
N SER A 333 -1.73 28.90 6.24
CA SER A 333 -0.82 28.14 7.09
C SER A 333 -1.59 27.50 8.23
N VAL A 334 -1.23 26.25 8.54
CA VAL A 334 -1.86 25.48 9.60
C VAL A 334 -0.83 25.22 10.69
N VAL A 335 -1.11 25.68 11.90
CA VAL A 335 -0.23 25.50 13.05
C VAL A 335 -1.06 24.93 14.20
N ARG A 336 -0.65 23.76 14.70
CA ARG A 336 -1.24 23.11 15.86
C ARG A 336 -2.72 22.77 15.68
N GLY A 337 -3.26 22.92 14.47
CA GLY A 337 -4.65 22.62 14.20
C GLY A 337 -5.50 23.82 13.83
N VAL A 338 -4.98 25.03 13.95
CA VAL A 338 -5.72 26.23 13.58
C VAL A 338 -5.24 26.70 12.21
N VAL A 339 -6.10 27.45 11.53
CA VAL A 339 -5.82 27.97 10.20
C VAL A 339 -5.86 29.48 10.25
N LEU A 340 -4.79 30.12 9.79
CA LEU A 340 -4.72 31.58 9.73
C LEU A 340 -4.33 32.01 8.32
N CYS A 341 -5.10 32.93 7.75
CA CYS A 341 -4.87 33.39 6.39
C CYS A 341 -4.33 34.81 6.39
N PRO A 342 -3.45 35.16 5.43
CA PRO A 342 -2.90 36.50 5.34
C PRO A 342 -3.89 37.50 4.76
N MET B 2 31.32 -4.80 6.01
CA MET B 2 32.05 -4.94 4.77
C MET B 2 32.41 -3.59 4.17
N ARG B 3 32.84 -3.60 2.90
CA ARG B 3 33.16 -2.37 2.20
C ARG B 3 33.05 -2.67 0.70
N LEU B 4 32.00 -2.13 0.06
CA LEU B 4 31.81 -2.38 -1.36
C LEU B 4 32.89 -1.66 -2.16
N LEU B 5 33.42 -2.36 -3.17
CA LEU B 5 34.53 -1.87 -3.98
C LEU B 5 34.13 -1.50 -5.39
N LEU B 6 33.41 -2.40 -6.09
CA LEU B 6 33.14 -2.22 -7.50
C LEU B 6 31.87 -2.96 -7.88
N PHE B 7 31.03 -2.32 -8.70
CA PHE B 7 29.80 -2.93 -9.19
C PHE B 7 29.79 -2.87 -10.71
N ARG B 8 29.48 -3.99 -11.35
CA ARG B 8 29.48 -4.11 -12.79
C ARG B 8 28.30 -4.94 -13.23
N GLN B 9 27.64 -4.52 -14.30
CA GLN B 9 26.43 -5.19 -14.78
C GLN B 9 26.45 -5.28 -16.31
N ARG B 10 25.57 -6.13 -16.83
CA ARG B 10 25.41 -6.28 -18.28
C ARG B 10 23.95 -6.60 -18.57
N ASN B 11 23.22 -5.63 -19.11
CA ASN B 11 21.84 -5.82 -19.56
C ASN B 11 20.92 -6.19 -18.40
N PHE B 12 20.90 -5.35 -17.37
CA PHE B 12 20.01 -5.50 -16.22
C PHE B 12 19.03 -4.35 -16.21
N ARG B 13 17.76 -4.63 -16.48
CA ARG B 13 16.71 -3.61 -16.57
C ARG B 13 17.14 -2.57 -17.59
N ASN B 14 17.00 -1.27 -17.31
CA ASN B 14 17.34 -0.23 -18.27
C ASN B 14 18.73 0.33 -18.07
N LEU B 15 19.55 -0.32 -17.23
CA LEU B 15 20.88 0.19 -16.94
C LEU B 15 21.78 0.14 -18.17
N ALA B 16 22.65 1.15 -18.28
CA ALA B 16 23.58 1.23 -19.40
C ALA B 16 25.00 1.57 -18.95
N LEU B 17 25.33 1.34 -17.69
CA LEU B 17 26.65 1.64 -17.16
C LEU B 17 27.62 0.48 -17.40
N GLU B 18 28.86 0.69 -17.01
CA GLU B 18 29.90 -0.33 -17.10
C GLU B 18 30.57 -0.62 -15.77
N ALA B 19 30.80 0.40 -14.94
CA ALA B 19 31.41 0.21 -13.63
C ALA B 19 30.96 1.33 -12.71
N TYR B 20 30.88 1.02 -11.42
CA TYR B 20 30.48 1.98 -10.41
C TYR B 20 31.28 1.72 -9.14
N ARG B 21 32.04 2.71 -8.70
CA ARG B 21 32.91 2.58 -7.52
C ARG B 21 32.43 3.51 -6.42
N PRO B 22 31.74 2.98 -5.40
CA PRO B 22 31.25 3.84 -4.31
C PRO B 22 32.40 4.32 -3.44
N PRO B 23 32.33 5.56 -2.95
CA PRO B 23 33.35 6.05 -2.02
C PRO B 23 33.05 5.60 -0.61
N PRO B 24 34.05 5.62 0.28
CA PRO B 24 33.79 5.29 1.69
C PRO B 24 32.90 6.34 2.33
N GLY B 25 32.15 5.92 3.34
CA GLY B 25 31.27 6.81 4.06
C GLY B 25 29.98 7.09 3.29
N LEU B 26 29.28 8.11 3.76
CA LEU B 26 27.97 8.45 3.21
C LEU B 26 28.11 8.98 1.78
N SER B 27 27.18 8.57 0.92
CA SER B 27 27.18 8.98 -0.48
C SER B 27 25.81 9.51 -0.86
N ALA B 28 25.58 9.76 -2.15
CA ALA B 28 24.28 10.24 -2.62
C ALA B 28 24.11 9.93 -4.09
N LEU B 29 22.86 9.90 -4.51
CA LEU B 29 22.48 9.77 -5.92
C LEU B 29 21.28 10.68 -6.17
N VAL B 30 21.31 11.40 -7.29
CA VAL B 30 20.24 12.32 -7.64
C VAL B 30 19.78 12.03 -9.07
N GLY B 31 18.57 12.47 -9.37
CA GLY B 31 18.03 12.26 -10.71
C GLY B 31 16.62 12.78 -10.80
N ALA B 32 16.02 12.52 -11.95
CA ALA B 32 14.63 12.85 -12.23
C ALA B 32 13.81 11.57 -12.26
N ASN B 33 12.54 11.68 -12.62
CA ASN B 33 11.69 10.51 -12.74
C ASN B 33 12.14 9.64 -13.90
N ALA B 34 12.10 8.32 -13.69
CA ALA B 34 12.42 7.32 -14.71
C ALA B 34 13.84 7.48 -15.24
N GLN B 35 14.80 7.29 -14.32
CA GLN B 35 16.22 7.38 -14.70
C GLN B 35 17.00 6.13 -14.30
N GLY B 36 16.65 5.53 -13.16
CA GLY B 36 17.30 4.29 -12.79
C GLY B 36 17.97 4.23 -11.44
N LYS B 37 17.55 5.07 -10.49
CA LYS B 37 18.05 4.96 -9.13
C LYS B 37 17.56 3.68 -8.48
N THR B 38 16.26 3.39 -8.62
CA THR B 38 15.70 2.17 -8.07
C THR B 38 16.36 0.94 -8.69
N SER B 39 16.59 0.96 -10.00
CA SER B 39 17.24 -0.17 -10.66
C SER B 39 18.64 -0.39 -10.14
N LEU B 40 19.40 0.68 -9.91
CA LEU B 40 20.77 0.54 -9.44
C LEU B 40 20.82 0.02 -8.01
N LEU B 41 19.98 0.57 -7.12
CA LEU B 41 19.95 0.06 -5.76
C LEU B 41 19.48 -1.40 -5.73
N LEU B 42 18.50 -1.74 -6.56
CA LEU B 42 18.00 -3.10 -6.61
C LEU B 42 19.08 -4.06 -7.11
N GLY B 43 19.86 -3.64 -8.10
CA GLY B 43 20.95 -4.48 -8.57
C GLY B 43 22.03 -4.68 -7.53
N ILE B 44 22.38 -3.61 -6.79
CA ILE B 44 23.37 -3.75 -5.73
C ILE B 44 22.84 -4.66 -4.62
N HIS B 45 21.52 -4.60 -4.36
CA HIS B 45 20.93 -5.48 -3.34
C HIS B 45 20.96 -6.93 -3.78
N LEU B 46 20.64 -7.20 -5.05
CA LEU B 46 20.64 -8.57 -5.54
C LEU B 46 22.05 -9.14 -5.66
N ALA B 47 23.03 -8.33 -6.02
CA ALA B 47 24.39 -8.83 -6.21
C ALA B 47 24.97 -9.42 -4.93
N LEU B 48 24.51 -8.99 -3.76
CA LEU B 48 25.04 -9.45 -2.48
C LEU B 48 24.17 -10.53 -1.84
N GLY B 49 23.14 -11.01 -2.53
CA GLY B 49 22.33 -12.10 -2.01
C GLY B 49 21.06 -11.68 -1.31
N GLY B 50 20.31 -10.77 -1.91
CA GLY B 50 19.05 -10.31 -1.36
C GLY B 50 17.85 -10.93 -2.05
N GLU B 51 16.71 -10.27 -1.89
CA GLU B 51 15.46 -10.70 -2.50
C GLU B 51 14.74 -9.50 -3.08
N VAL B 52 13.90 -9.76 -4.09
CA VAL B 52 13.21 -8.70 -4.81
C VAL B 52 11.75 -9.10 -5.02
N PRO B 53 10.80 -8.18 -4.88
CA PRO B 53 9.39 -8.52 -5.16
C PRO B 53 9.15 -8.98 -6.59
N LEU B 54 9.88 -8.44 -7.57
CA LEU B 54 9.62 -8.74 -8.97
C LEU B 54 10.05 -10.16 -9.32
N GLY B 55 9.44 -10.69 -10.38
CA GLY B 55 9.85 -11.98 -10.89
C GLY B 55 11.11 -11.89 -11.72
N LEU B 56 11.78 -13.04 -11.88
CA LEU B 56 13.06 -13.07 -12.58
C LEU B 56 12.91 -12.87 -14.09
N ALA B 57 11.71 -13.02 -14.63
CA ALA B 57 11.49 -12.79 -16.06
C ALA B 57 11.33 -11.32 -16.41
N ASP B 58 11.09 -10.45 -15.41
CA ASP B 58 10.97 -9.02 -15.64
C ASP B 58 12.23 -8.25 -15.27
N LEU B 59 13.28 -8.94 -14.81
CA LEU B 59 14.53 -8.32 -14.44
C LEU B 59 15.55 -8.31 -15.57
N VAL B 60 15.18 -8.76 -16.75
CA VAL B 60 16.07 -8.77 -17.91
C VAL B 60 15.61 -7.68 -18.87
N ARG B 61 16.57 -7.13 -19.62
CA ARG B 61 16.28 -6.09 -20.59
C ARG B 61 15.22 -6.55 -21.58
N PHE B 62 14.53 -5.58 -22.18
CA PHE B 62 13.48 -5.89 -23.15
C PHE B 62 14.11 -6.50 -24.40
N GLY B 63 13.84 -7.79 -24.62
CA GLY B 63 14.30 -8.47 -25.81
C GLY B 63 15.58 -9.28 -25.67
N GLU B 64 16.05 -9.53 -24.46
CA GLU B 64 17.25 -10.31 -24.22
C GLU B 64 16.92 -11.50 -23.32
N GLU B 65 17.95 -12.30 -23.04
CA GLU B 65 17.76 -13.51 -22.26
C GLU B 65 18.86 -13.79 -21.24
N GLU B 66 19.85 -12.91 -21.09
CA GLU B 66 20.97 -13.17 -20.20
C GLU B 66 21.42 -11.86 -19.56
N ALA B 67 21.16 -11.71 -18.27
CA ALA B 67 21.68 -10.60 -17.48
C ALA B 67 22.81 -11.10 -16.59
N TRP B 68 23.71 -10.18 -16.25
CA TRP B 68 24.91 -10.57 -15.51
C TRP B 68 25.31 -9.43 -14.58
N LEU B 69 25.47 -9.75 -13.29
CA LEU B 69 25.86 -8.78 -12.27
C LEU B 69 27.13 -9.27 -11.58
N HIS B 70 28.05 -8.33 -11.32
CA HIS B 70 29.32 -8.68 -10.70
C HIS B 70 29.71 -7.59 -9.69
N ALA B 71 30.01 -7.99 -8.46
CA ALA B 71 30.37 -7.06 -7.41
C ALA B 71 31.58 -7.60 -6.64
N GLU B 72 32.40 -6.68 -6.14
CA GLU B 72 33.58 -7.01 -5.36
C GLU B 72 33.49 -6.36 -3.99
N VAL B 73 33.75 -7.13 -2.94
CA VAL B 73 33.69 -6.63 -1.56
C VAL B 73 34.98 -6.98 -0.85
N GLU B 74 35.26 -6.25 0.22
CA GLU B 74 36.49 -6.40 0.98
C GLU B 74 36.18 -6.42 2.47
N THR B 75 36.44 -7.54 3.12
CA THR B 75 36.25 -7.69 4.55
C THR B 75 37.56 -8.05 5.22
N GLU B 76 37.54 -8.14 6.55
CA GLU B 76 38.73 -8.54 7.29
C GLU B 76 39.11 -9.99 6.96
N LEU B 77 38.12 -10.84 6.70
CA LEU B 77 38.41 -12.23 6.35
C LEU B 77 39.18 -12.32 5.04
N GLY B 78 38.80 -11.52 4.05
CA GLY B 78 39.47 -11.52 2.77
C GLY B 78 38.57 -11.02 1.68
N ALA B 79 39.17 -10.79 0.51
CA ALA B 79 38.44 -10.31 -0.64
C ALA B 79 37.50 -11.38 -1.18
N TYR B 80 36.42 -10.93 -1.82
CA TYR B 80 35.43 -11.81 -2.41
C TYR B 80 35.04 -11.29 -3.79
N ARG B 81 34.58 -12.21 -4.63
CA ARG B 81 34.03 -11.88 -5.95
C ARG B 81 32.72 -12.62 -6.11
N LEU B 82 31.63 -11.89 -6.35
CA LEU B 82 30.31 -12.47 -6.48
C LEU B 82 29.80 -12.28 -7.90
N GLU B 83 29.40 -13.39 -8.53
CA GLU B 83 28.91 -13.39 -9.91
C GLU B 83 27.48 -13.90 -9.92
N HIS B 84 26.59 -13.16 -10.58
CA HIS B 84 25.20 -13.55 -10.74
C HIS B 84 24.86 -13.59 -12.22
N ARG B 85 24.07 -14.59 -12.62
CA ARG B 85 23.69 -14.76 -14.01
C ARG B 85 22.21 -15.13 -14.07
N LEU B 86 21.39 -14.17 -14.46
CA LEU B 86 19.95 -14.38 -14.58
C LEU B 86 19.59 -14.90 -15.96
N GLY B 87 18.36 -15.37 -16.10
CA GLY B 87 17.88 -15.88 -17.37
C GLY B 87 16.59 -16.66 -17.24
N PRO B 88 16.37 -17.62 -18.14
CA PRO B 88 15.17 -18.44 -18.08
C PRO B 88 15.23 -19.61 -17.11
N GLY B 89 16.39 -20.24 -16.95
CA GLY B 89 16.49 -21.38 -16.06
C GLY B 89 16.50 -21.00 -14.59
N GLY B 90 16.89 -19.76 -14.28
CA GLY B 90 16.97 -19.26 -12.93
C GLY B 90 18.30 -18.62 -12.67
N ARG B 91 18.56 -18.34 -11.39
CA ARG B 91 19.81 -17.71 -11.00
C ARG B 91 20.99 -18.67 -11.19
N GLU B 92 22.20 -18.11 -11.09
CA GLU B 92 23.42 -18.91 -11.09
C GLU B 92 24.48 -18.09 -10.39
N VAL B 93 24.86 -18.51 -9.18
CA VAL B 93 25.77 -17.75 -8.32
C VAL B 93 27.13 -18.40 -8.35
N LEU B 94 28.18 -17.60 -8.49
CA LEU B 94 29.56 -18.08 -8.48
C LEU B 94 30.32 -17.33 -7.38
N LEU B 95 30.51 -17.98 -6.24
CA LEU B 95 31.27 -17.39 -5.15
C LEU B 95 32.76 -17.63 -5.40
N ASN B 96 33.49 -16.56 -5.70
CA ASN B 96 34.93 -16.59 -5.89
C ASN B 96 35.37 -17.47 -7.05
N GLY B 97 34.41 -17.93 -7.86
CA GLY B 97 34.75 -18.67 -9.05
C GLY B 97 34.12 -20.05 -9.16
N LYS B 98 33.44 -20.49 -8.10
CA LYS B 98 32.87 -21.82 -8.04
C LYS B 98 31.37 -21.75 -7.83
N ARG B 99 30.64 -22.65 -8.48
CA ARG B 99 29.19 -22.72 -8.32
C ARG B 99 28.84 -23.09 -6.88
N VAL B 100 27.83 -22.42 -6.34
CA VAL B 100 27.36 -22.67 -4.98
C VAL B 100 25.92 -22.19 -4.89
N SER B 101 25.19 -22.71 -3.92
CA SER B 101 23.79 -22.36 -3.74
C SER B 101 23.66 -20.97 -3.11
N LEU B 102 22.43 -20.44 -3.15
CA LEU B 102 22.14 -19.15 -2.54
C LEU B 102 22.13 -19.20 -1.03
N ARG B 103 21.94 -20.38 -0.44
CA ARG B 103 21.83 -20.48 1.02
C ARG B 103 23.15 -20.17 1.71
N THR B 104 24.28 -20.47 1.09
CA THR B 104 25.58 -20.28 1.75
C THR B 104 25.87 -18.81 2.02
N LEU B 105 25.21 -17.88 1.34
CA LEU B 105 25.43 -16.46 1.56
C LEU B 105 24.68 -15.94 2.79
N TRP B 106 23.88 -16.78 3.43
CA TRP B 106 23.10 -16.35 4.59
C TRP B 106 24.00 -15.89 5.73
N GLU B 107 25.22 -16.42 5.82
CA GLU B 107 26.13 -16.03 6.89
C GLU B 107 26.84 -14.72 6.62
N LEU B 108 26.91 -14.28 5.37
CA LEU B 108 27.56 -13.02 5.05
C LEU B 108 26.68 -11.84 5.50
N PRO B 109 27.29 -10.70 5.85
CA PRO B 109 26.48 -9.58 6.39
C PRO B 109 25.38 -9.11 5.46
N GLY B 110 25.61 -9.09 4.15
CA GLY B 110 24.57 -8.72 3.21
C GLY B 110 24.30 -7.24 3.14
N SER B 111 23.03 -6.86 2.98
CA SER B 111 22.66 -5.46 2.87
C SER B 111 21.24 -5.27 3.38
N VAL B 112 20.88 -4.02 3.65
CA VAL B 112 19.56 -3.64 4.13
C VAL B 112 19.00 -2.58 3.20
N LEU B 113 17.83 -2.84 2.64
CA LEU B 113 17.20 -1.95 1.67
C LEU B 113 15.92 -1.36 2.28
N VAL B 114 15.90 -0.04 2.44
CA VAL B 114 14.76 0.67 2.98
C VAL B 114 13.99 1.27 1.81
N SER B 115 12.77 0.83 1.61
CA SER B 115 12.00 1.10 0.41
C SER B 115 10.59 1.53 0.77
N PRO B 116 9.85 2.15 -0.17
CA PRO B 116 8.50 2.62 0.15
C PRO B 116 7.54 1.52 0.59
N LEU B 117 7.67 0.30 0.10
CA LEU B 117 6.72 -0.74 0.48
C LEU B 117 6.96 -1.29 1.88
N ASP B 118 8.05 -0.89 2.53
CA ASP B 118 8.26 -1.24 3.93
C ASP B 118 7.33 -0.47 4.86
N LEU B 119 6.62 0.53 4.33
CA LEU B 119 5.71 1.34 5.13
C LEU B 119 4.33 0.72 5.28
N GLU B 120 4.01 -0.28 4.46
CA GLU B 120 2.69 -0.90 4.50
C GLU B 120 2.58 -2.01 5.54
N ALA B 121 3.65 -2.29 6.28
CA ALA B 121 3.57 -3.24 7.39
C ALA B 121 3.24 -2.55 8.70
N VAL B 122 3.64 -1.29 8.87
CA VAL B 122 3.34 -0.58 10.10
C VAL B 122 1.85 -0.27 10.20
N LEU B 123 1.23 0.10 9.09
CA LEU B 123 -0.18 0.47 9.05
C LEU B 123 -0.99 -0.46 8.15
N GLY B 124 -0.66 -1.75 8.18
CA GLY B 124 -1.38 -2.73 7.41
C GLY B 124 -2.35 -3.55 8.23
N PRO B 125 -3.00 -4.53 7.61
CA PRO B 125 -3.95 -5.39 8.33
C PRO B 125 -3.27 -6.35 9.29
N LYS B 126 -4.07 -7.14 10.01
CA LYS B 126 -3.52 -8.02 11.04
C LYS B 126 -2.59 -9.08 10.46
N GLU B 127 -2.99 -9.68 9.34
CA GLU B 127 -2.20 -10.75 8.73
C GLU B 127 -0.82 -10.23 8.32
N GLU B 128 -0.77 -9.05 7.72
CA GLU B 128 0.50 -8.51 7.24
C GLU B 128 1.41 -8.12 8.39
N ARG B 129 0.84 -7.51 9.44
CA ARG B 129 1.64 -7.17 10.62
C ARG B 129 2.21 -8.42 11.27
N ARG B 130 1.42 -9.49 11.36
CA ARG B 130 1.92 -10.72 11.97
C ARG B 130 2.95 -11.40 11.07
N ALA B 131 2.79 -11.29 9.74
CA ALA B 131 3.76 -11.90 8.83
C ALA B 131 5.08 -11.14 8.81
N TYR B 132 5.06 -9.83 9.11
CA TYR B 132 6.31 -9.08 9.16
C TYR B 132 7.25 -9.61 10.25
N LEU B 133 6.70 -9.93 11.42
CA LEU B 133 7.52 -10.38 12.53
C LEU B 133 8.12 -11.75 12.28
N ASP B 134 7.37 -12.63 11.61
CA ASP B 134 7.83 -14.01 11.41
C ASP B 134 9.09 -14.06 10.57
N ARG B 135 9.17 -13.26 9.52
CA ARG B 135 10.36 -13.26 8.67
C ARG B 135 11.50 -12.43 9.24
N LEU B 136 11.25 -11.63 10.28
CA LEU B 136 12.34 -10.91 10.93
C LEU B 136 13.08 -11.80 11.93
N ILE B 137 12.34 -12.60 12.70
CA ILE B 137 12.97 -13.52 13.63
C ILE B 137 13.72 -14.60 12.89
N ALA B 138 13.20 -15.05 11.74
CA ALA B 138 13.85 -16.10 10.96
C ALA B 138 15.18 -15.65 10.36
N ARG B 139 15.47 -14.34 10.35
CA ARG B 139 16.76 -13.86 9.89
C ARG B 139 17.87 -14.07 10.90
N PHE B 140 17.53 -14.33 12.16
CA PHE B 140 18.51 -14.50 13.22
C PHE B 140 18.65 -15.94 13.70
N SER B 141 17.62 -16.76 13.55
CA SER B 141 17.64 -18.14 14.00
C SER B 141 17.10 -19.04 12.89
N ARG B 142 17.84 -20.09 12.56
CA ARG B 142 17.38 -21.07 11.60
C ARG B 142 16.44 -22.10 12.21
N ARG B 143 16.38 -22.19 13.53
CA ARG B 143 15.48 -23.13 14.18
C ARG B 143 14.03 -22.64 14.17
N TYR B 144 13.82 -21.32 14.16
CA TYR B 144 12.48 -20.78 14.17
C TYR B 144 11.71 -21.17 12.90
N ALA B 145 12.38 -21.13 11.76
CA ALA B 145 11.71 -21.46 10.49
C ALA B 145 11.25 -22.91 10.47
N ALA B 146 12.07 -23.83 10.98
CA ALA B 146 11.69 -25.24 11.00
C ALA B 146 10.46 -25.47 11.86
N LEU B 147 10.44 -24.86 13.05
CA LEU B 147 9.27 -25.01 13.93
C LEU B 147 8.02 -24.39 13.28
N LEU B 148 8.19 -23.23 12.66
CA LEU B 148 7.04 -22.56 12.04
C LEU B 148 6.49 -23.37 10.88
N SER B 149 7.36 -24.05 10.14
CA SER B 149 6.89 -24.89 9.03
C SER B 149 6.26 -26.17 9.55
N ALA B 150 6.80 -26.74 10.63
CA ALA B 150 6.28 -28.00 11.16
C ALA B 150 4.92 -27.81 11.82
N TYR B 151 4.70 -26.67 12.48
CA TYR B 151 3.43 -26.44 13.17
C TYR B 151 2.26 -26.40 12.19
N GLU B 152 2.48 -25.83 11.00
CA GLU B 152 1.39 -25.63 10.04
C GLU B 152 0.82 -26.96 9.54
N LYS B 153 1.69 -27.94 9.28
CA LYS B 153 1.21 -29.24 8.80
C LYS B 153 0.31 -29.90 9.83
N ALA B 154 0.73 -29.91 11.09
CA ALA B 154 -0.07 -30.50 12.14
C ALA B 154 -1.38 -29.77 12.31
N LEU B 155 -1.36 -28.43 12.24
CA LEU B 155 -2.59 -27.67 12.36
C LEU B 155 -3.56 -28.01 11.25
N ARG B 156 -3.07 -28.11 10.02
CA ARG B 156 -3.93 -28.42 8.88
C ARG B 156 -4.53 -29.82 9.02
N GLN B 157 -3.71 -30.80 9.41
CA GLN B 157 -4.23 -32.16 9.56
C GLN B 157 -5.28 -32.24 10.67
N ARG B 158 -5.03 -31.57 11.80
CA ARG B 158 -5.99 -31.59 12.88
C ARG B 158 -7.30 -30.92 12.48
N ASN B 159 -7.22 -29.78 11.77
CA ASN B 159 -8.45 -29.12 11.33
C ASN B 159 -9.22 -29.98 10.34
N ALA B 160 -8.51 -30.61 9.40
CA ALA B 160 -9.18 -31.46 8.42
C ALA B 160 -9.88 -32.63 9.09
N LEU B 161 -9.23 -33.26 10.07
CA LEU B 161 -9.90 -34.32 10.82
C LEU B 161 -11.09 -33.79 11.60
N LEU B 162 -10.94 -32.62 12.24
CA LEU B 162 -11.99 -32.09 13.08
C LEU B 162 -13.23 -31.71 12.28
N LYS B 163 -13.06 -31.32 11.02
CA LYS B 163 -14.23 -31.05 10.19
C LYS B 163 -15.10 -32.29 10.02
N ALA B 164 -14.51 -33.48 10.13
CA ALA B 164 -15.23 -34.74 9.93
C ALA B 164 -15.76 -35.31 11.24
N GLY B 165 -16.51 -34.50 11.99
CA GLY B 165 -17.17 -34.98 13.19
C GLY B 165 -16.27 -35.12 14.39
N GLY B 166 -15.42 -36.16 14.38
CA GLY B 166 -14.51 -36.39 15.49
C GLY B 166 -13.84 -37.75 15.43
N GLU B 167 -12.77 -37.92 16.19
CA GLU B 167 -11.98 -39.14 16.24
C GLU B 167 -11.00 -38.98 17.40
N GLY B 168 -10.14 -39.97 17.61
CA GLY B 168 -9.14 -39.88 18.65
C GLY B 168 -8.01 -38.93 18.28
N LEU B 169 -8.30 -37.64 18.29
CA LEU B 169 -7.40 -36.59 17.82
C LEU B 169 -6.41 -36.14 18.88
N SER B 170 -6.17 -36.95 19.91
CA SER B 170 -5.30 -36.52 21.00
C SER B 170 -3.86 -36.31 20.55
N ALA B 171 -3.37 -37.17 19.65
CA ALA B 171 -1.97 -37.09 19.23
C ALA B 171 -1.67 -35.77 18.51
N TRP B 172 -2.58 -35.34 17.65
CA TRP B 172 -2.38 -34.07 16.95
C TRP B 172 -2.43 -32.90 17.94
N ASP B 173 -3.27 -33.02 18.97
CA ASP B 173 -3.28 -32.01 20.03
C ASP B 173 -1.93 -31.96 20.74
N ARG B 174 -1.35 -33.13 21.03
CA ARG B 174 -0.03 -33.17 21.66
C ARG B 174 1.02 -32.52 20.79
N GLU B 175 1.00 -32.80 19.48
CA GLU B 175 1.99 -32.22 18.58
C GLU B 175 1.83 -30.70 18.48
N LEU B 176 0.59 -30.23 18.39
CA LEU B 176 0.34 -28.79 18.34
C LEU B 176 0.84 -28.10 19.60
N ALA B 177 0.58 -28.70 20.76
CA ALA B 177 1.09 -28.14 22.02
C ALA B 177 2.60 -28.21 22.08
N ARG B 178 3.20 -29.22 21.46
CA ARG B 178 4.65 -29.33 21.46
C ARG B 178 5.31 -28.20 20.68
N TYR B 179 4.72 -27.81 19.55
CA TYR B 179 5.36 -26.77 18.74
C TYR B 179 5.00 -25.36 19.21
N GLY B 180 3.76 -25.15 19.66
CA GLY B 180 3.32 -23.80 19.99
C GLY B 180 4.09 -23.18 21.14
N ASP B 181 4.40 -23.97 22.16
CA ASP B 181 5.12 -23.45 23.32
C ASP B 181 6.50 -22.94 22.92
N GLU B 182 7.21 -23.73 22.10
CA GLU B 182 8.53 -23.30 21.64
C GLU B 182 8.44 -22.02 20.82
N ILE B 183 7.44 -21.94 19.93
CA ILE B 183 7.28 -20.74 19.11
C ILE B 183 7.06 -19.52 19.99
N VAL B 184 6.16 -19.63 20.97
CA VAL B 184 5.84 -18.49 21.83
C VAL B 184 7.06 -18.07 22.66
N ALA B 185 7.80 -19.06 23.19
CA ALA B 185 8.98 -18.73 23.97
C ALA B 185 10.02 -17.99 23.14
N LEU B 186 10.25 -18.45 21.90
CA LEU B 186 11.20 -17.76 21.04
C LEU B 186 10.74 -16.34 20.73
N ARG B 187 9.44 -16.14 20.48
CA ARG B 187 8.95 -14.80 20.18
C ARG B 187 9.15 -13.86 21.36
N ARG B 188 8.83 -14.32 22.58
CA ARG B 188 9.03 -13.48 23.75
C ARG B 188 10.52 -13.16 23.95
N ARG B 189 11.38 -14.17 23.78
CA ARG B 189 12.80 -13.95 23.97
C ARG B 189 13.34 -12.93 22.97
N PHE B 190 12.86 -12.96 21.72
CA PHE B 190 13.32 -11.99 20.74
C PHE B 190 12.84 -10.59 21.08
N LEU B 191 11.53 -10.42 21.37
CA LEU B 191 11.02 -9.08 21.60
C LEU B 191 11.63 -8.43 22.84
N ARG B 192 11.96 -9.23 23.85
CA ARG B 192 12.59 -8.67 25.05
C ARG B 192 13.89 -7.97 24.71
N ARG B 193 14.66 -8.53 23.77
CA ARG B 193 15.88 -7.89 23.32
C ARG B 193 15.61 -6.76 22.33
N PHE B 194 14.57 -6.88 21.51
CA PHE B 194 14.35 -5.92 20.43
C PHE B 194 13.79 -4.60 20.92
N ALA B 195 12.96 -4.60 21.97
CA ALA B 195 12.26 -3.37 22.35
C ALA B 195 13.18 -2.21 22.73
N PRO B 196 14.20 -2.37 23.59
CA PRO B 196 15.00 -1.19 23.99
C PRO B 196 15.70 -0.49 22.84
N ILE B 197 16.21 -1.24 21.86
CA ILE B 197 16.91 -0.62 20.75
C ILE B 197 15.97 0.22 19.92
N LEU B 198 14.77 -0.30 19.62
CA LEU B 198 13.78 0.49 18.90
C LEU B 198 13.40 1.73 19.69
N ARG B 199 13.28 1.61 21.01
CA ARG B 199 12.92 2.76 21.82
CA ARG B 199 12.92 2.76 21.84
C ARG B 199 13.99 3.83 21.78
N GLU B 200 15.26 3.45 21.86
CA GLU B 200 16.34 4.43 21.91
C GLU B 200 16.80 4.92 20.53
N VAL B 201 16.37 4.27 19.45
CA VAL B 201 16.72 4.75 18.12
C VAL B 201 15.70 5.78 17.63
N HIS B 202 14.40 5.51 17.82
CA HIS B 202 13.38 6.47 17.43
C HIS B 202 13.43 7.74 18.26
N ALA B 203 14.06 7.70 19.44
CA ALA B 203 14.16 8.90 20.27
C ALA B 203 15.19 9.89 19.74
N ALA B 204 16.03 9.46 18.79
CA ALA B 204 17.00 10.37 18.17
C ALA B 204 16.48 11.01 16.90
N LEU B 205 15.42 10.46 16.31
CA LEU B 205 14.83 11.02 15.09
C LEU B 205 13.57 11.82 15.38
N ALA B 206 12.93 11.63 16.52
CA ALA B 206 11.71 12.34 16.89
C ALA B 206 11.68 12.50 18.40
N ALA B 207 10.52 12.85 18.94
CA ALA B 207 10.36 13.09 20.36
C ALA B 207 9.51 12.03 21.06
N LYS B 208 8.35 11.69 20.51
CA LYS B 208 7.44 10.77 21.17
C LYS B 208 8.03 9.37 21.26
N GLU B 209 7.53 8.60 22.22
CA GLU B 209 8.00 7.25 22.46
C GLU B 209 7.23 6.26 21.59
N ALA B 210 7.90 5.16 21.25
CA ALA B 210 7.31 4.10 20.46
C ALA B 210 7.57 2.76 21.14
N GLY B 211 6.67 1.81 20.90
CA GLY B 211 6.78 0.52 21.55
C GLY B 211 6.01 -0.55 20.80
N LEU B 212 5.92 -1.71 21.43
CA LEU B 212 5.28 -2.89 20.85
C LEU B 212 4.38 -3.54 21.89
N ARG B 213 3.37 -4.25 21.42
CA ARG B 213 2.47 -5.00 22.30
C ARG B 213 2.05 -6.28 21.58
N LEU B 214 2.32 -7.42 22.21
CA LEU B 214 1.99 -8.73 21.65
C LEU B 214 0.84 -9.32 22.46
N GLU B 215 -0.34 -9.38 21.86
CA GLU B 215 -1.52 -9.92 22.52
C GLU B 215 -1.61 -11.42 22.24
N GLU B 216 -1.39 -12.22 23.27
CA GLU B 216 -1.34 -13.67 23.13
C GLU B 216 -2.70 -14.29 23.43
N THR B 217 -2.97 -15.43 22.79
CA THR B 217 -4.21 -16.16 22.98
C THR B 217 -4.06 -17.38 23.88
N ALA B 218 -2.92 -18.03 23.85
CA ALA B 218 -2.64 -19.23 24.63
C ALA B 218 -1.38 -19.04 25.47
N GLY B 219 -1.30 -17.92 26.18
CA GLY B 219 -0.08 -17.59 26.90
C GLY B 219 0.24 -18.55 28.03
N GLU B 220 -0.78 -18.94 28.80
CA GLU B 220 -0.54 -19.79 29.96
C GLU B 220 -0.26 -21.24 29.55
N GLY B 221 -0.80 -21.68 28.41
CA GLY B 221 -0.56 -23.02 27.94
C GLY B 221 -1.44 -23.38 26.74
N VAL B 222 -0.85 -24.01 25.73
CA VAL B 222 -1.60 -24.33 24.52
C VAL B 222 -2.62 -25.43 24.79
N LEU B 223 -2.20 -26.48 25.49
CA LEU B 223 -3.10 -27.60 25.74
C LEU B 223 -4.18 -27.23 26.75
N ARG B 224 -3.81 -26.47 27.79
CA ARG B 224 -4.79 -26.02 28.77
C ARG B 224 -5.76 -25.00 28.19
N ALA B 225 -5.46 -24.45 27.01
CA ALA B 225 -6.40 -23.59 26.31
C ALA B 225 -7.21 -24.33 25.26
N LEU B 226 -6.66 -25.41 24.70
CA LEU B 226 -7.44 -26.25 23.79
C LEU B 226 -8.46 -27.08 24.56
N GLU B 227 -8.17 -27.42 25.81
CA GLU B 227 -9.14 -28.15 26.62
C GLU B 227 -10.29 -27.25 27.06
N ALA B 228 -10.04 -25.94 27.20
CA ALA B 228 -11.02 -25.03 27.76
C ALA B 228 -12.02 -24.49 26.75
N SER B 229 -11.91 -24.86 25.47
CA SER B 229 -12.81 -24.36 24.45
C SER B 229 -13.23 -25.49 23.51
N ARG B 230 -13.60 -26.64 24.08
CA ARG B 230 -13.91 -27.80 23.26
C ARG B 230 -15.27 -27.66 22.58
N ALA B 231 -16.27 -27.14 23.30
CA ALA B 231 -17.62 -27.07 22.75
C ALA B 231 -17.69 -26.08 21.58
N GLU B 232 -17.17 -24.87 21.76
CA GLU B 232 -17.19 -23.88 20.70
C GLU B 232 -16.38 -24.33 19.51
N GLU B 233 -15.21 -24.94 19.76
CA GLU B 233 -14.38 -25.44 18.67
C GLU B 233 -15.08 -26.55 17.90
N ARG B 234 -15.73 -27.47 18.61
CA ARG B 234 -16.46 -28.55 17.95
C ARG B 234 -17.61 -28.00 17.10
N GLU B 235 -18.34 -27.03 17.64
CA GLU B 235 -19.45 -26.46 16.88
C GLU B 235 -18.94 -25.71 15.64
N ARG B 236 -17.87 -24.92 15.79
CA ARG B 236 -17.40 -24.10 14.69
C ARG B 236 -16.67 -24.93 13.64
N GLY B 237 -15.86 -25.90 14.07
CA GLY B 237 -15.12 -26.72 13.14
C GLY B 237 -13.71 -26.26 12.84
N GLN B 238 -13.15 -25.36 13.64
CA GLN B 238 -11.81 -24.83 13.41
C GLN B 238 -11.07 -24.77 14.74
N THR B 239 -9.74 -24.76 14.65
CA THR B 239 -8.90 -24.49 15.81
C THR B 239 -8.87 -22.98 16.04
N LEU B 240 -9.43 -22.53 17.16
CA LEU B 240 -9.59 -21.11 17.43
C LEU B 240 -8.48 -20.55 18.32
N VAL B 241 -7.55 -21.37 18.78
CA VAL B 241 -6.53 -20.95 19.74
C VAL B 241 -5.18 -21.44 19.26
N GLY B 242 -4.18 -20.56 19.28
CA GLY B 242 -2.83 -20.94 18.94
C GLY B 242 -1.95 -19.76 18.58
N PRO B 243 -0.66 -20.02 18.34
CA PRO B 243 0.25 -18.96 17.91
C PRO B 243 -0.11 -18.35 16.56
N HIS B 244 -0.90 -19.04 15.74
CA HIS B 244 -1.32 -18.53 14.45
C HIS B 244 -2.46 -17.53 14.54
N ARG B 245 -2.74 -17.01 15.73
CA ARG B 245 -3.82 -16.05 15.93
C ARG B 245 -3.38 -14.89 16.83
N ASP B 246 -2.08 -14.63 16.88
CA ASP B 246 -1.57 -13.55 17.72
C ASP B 246 -1.78 -12.20 17.03
N ASP B 247 -1.41 -11.14 17.74
CA ASP B 247 -1.57 -9.78 17.25
C ASP B 247 -0.35 -8.96 17.61
N LEU B 248 0.08 -8.11 16.68
CA LEU B 248 1.19 -7.19 16.90
C LEU B 248 0.74 -5.79 16.53
N VAL B 249 0.94 -4.85 17.46
CA VAL B 249 0.56 -3.46 17.26
C VAL B 249 1.73 -2.57 17.65
N PHE B 250 1.97 -1.53 16.85
CA PHE B 250 3.00 -0.54 17.13
C PHE B 250 2.34 0.68 17.75
N LEU B 251 2.91 1.17 18.85
CA LEU B 251 2.29 2.22 19.66
C LEU B 251 3.04 3.54 19.47
N LEU B 252 2.28 4.62 19.35
CA LEU B 252 2.81 5.98 19.39
C LEU B 252 2.12 6.72 20.53
N GLU B 253 2.84 6.90 21.64
CA GLU B 253 2.32 7.55 22.83
C GLU B 253 1.08 6.83 23.37
N GLY B 254 1.10 5.50 23.31
CA GLY B 254 0.03 4.69 23.85
C GLY B 254 -1.15 4.46 22.94
N ARG B 255 -1.08 4.88 21.68
CA ARG B 255 -2.16 4.69 20.73
C ARG B 255 -1.69 3.82 19.57
N PRO B 256 -2.58 2.99 19.01
CA PRO B 256 -2.19 2.19 17.84
C PRO B 256 -1.80 3.08 16.67
N ALA B 257 -0.79 2.64 15.92
CA ALA B 257 -0.27 3.44 14.82
C ALA B 257 -1.02 3.24 13.52
N HIS B 258 -1.87 2.21 13.42
CA HIS B 258 -2.61 1.97 12.19
C HIS B 258 -3.95 2.69 12.15
N ARG B 259 -4.27 3.49 13.16
CA ARG B 259 -5.51 4.24 13.19
C ARG B 259 -5.35 5.73 13.46
N PHE B 260 -4.20 6.17 13.99
CA PHE B 260 -4.06 7.56 14.39
C PHE B 260 -2.85 8.24 13.74
N ALA B 261 -1.80 7.48 13.46
CA ALA B 261 -0.57 8.05 12.93
C ALA B 261 -0.78 8.62 11.53
N SER B 262 -0.06 9.70 11.25
CA SER B 262 -0.07 10.32 9.93
C SER B 262 0.96 9.64 9.04
N ARG B 263 1.26 10.23 7.88
CA ARG B 263 2.15 9.59 6.93
C ARG B 263 3.62 9.86 7.26
N GLY B 264 3.98 11.12 7.48
CA GLY B 264 5.33 11.45 7.89
C GLY B 264 5.70 10.96 9.26
N GLU B 265 4.73 10.49 10.03
CA GLU B 265 4.96 9.91 11.35
C GLU B 265 5.05 8.39 11.33
N ALA B 266 4.45 7.75 10.33
CA ALA B 266 4.63 6.31 10.13
C ALA B 266 5.90 6.01 9.33
N LYS B 267 6.31 6.95 8.46
CA LYS B 267 7.56 6.79 7.73
C LYS B 267 8.74 6.70 8.70
N THR B 268 8.73 7.53 9.75
CA THR B 268 9.78 7.49 10.75
C THR B 268 9.79 6.18 11.52
N LEU B 269 8.61 5.64 11.84
CA LEU B 269 8.55 4.33 12.49
C LEU B 269 9.14 3.24 11.60
N ALA B 270 8.80 3.25 10.32
CA ALA B 270 9.34 2.24 9.41
C ALA B 270 10.86 2.33 9.33
N LEU B 271 11.37 3.56 9.20
CA LEU B 271 12.82 3.73 9.11
C LEU B 271 13.50 3.33 10.42
N ALA B 272 12.88 3.62 11.56
CA ALA B 272 13.44 3.23 12.84
C ALA B 272 13.46 1.71 13.00
N LEU B 273 12.43 1.03 12.52
CA LEU B 273 12.43 -0.43 12.56
C LEU B 273 13.57 -1.00 11.71
N ARG B 274 13.76 -0.46 10.50
CA ARG B 274 14.85 -0.94 9.66
C ARG B 274 16.22 -0.66 10.28
N LEU B 275 16.38 0.52 10.88
CA LEU B 275 17.66 0.87 11.49
C LEU B 275 17.92 0.04 12.75
N ALA B 276 16.88 -0.31 13.50
CA ALA B 276 17.08 -1.18 14.65
C ALA B 276 17.44 -2.59 14.22
N GLU B 277 16.88 -3.05 13.09
CA GLU B 277 17.31 -4.35 12.55
C GLU B 277 18.76 -4.29 12.10
N HIS B 278 19.19 -3.18 11.50
CA HIS B 278 20.57 -3.06 11.04
C HIS B 278 21.55 -3.13 12.20
N ARG B 279 21.21 -2.51 13.34
CA ARG B 279 22.12 -2.50 14.48
C ARG B 279 22.32 -3.89 15.06
N LEU B 280 21.24 -4.67 15.17
CA LEU B 280 21.35 -5.99 15.81
C LEU B 280 22.15 -6.96 14.96
N LEU B 281 22.00 -6.89 13.63
CA LEU B 281 22.76 -7.76 12.75
C LEU B 281 24.25 -7.51 12.86
N GLY B 282 24.66 -6.27 13.18
CA GLY B 282 26.06 -5.99 13.38
C GLY B 282 26.64 -6.75 14.57
N GLU B 283 25.88 -6.83 15.67
CA GLU B 283 26.34 -7.59 16.82
C GLU B 283 26.28 -9.08 16.55
N HIS B 284 25.26 -9.53 15.80
CA HIS B 284 25.13 -10.96 15.52
C HIS B 284 26.26 -11.46 14.65
N HIS B 285 26.53 -10.78 13.52
CA HIS B 285 27.57 -11.23 12.61
C HIS B 285 28.96 -10.82 13.08
N GLY B 286 29.09 -9.63 13.65
CA GLY B 286 30.37 -9.06 14.02
C GLY B 286 30.79 -7.90 13.14
N GLU B 287 30.24 -7.79 11.93
CA GLU B 287 30.50 -6.67 11.03
C GLU B 287 29.18 -6.11 10.55
N PRO B 288 28.93 -4.81 10.72
CA PRO B 288 27.64 -4.24 10.32
C PRO B 288 27.43 -4.33 8.82
N PRO B 289 26.19 -4.55 8.38
CA PRO B 289 25.90 -4.64 6.94
C PRO B 289 26.00 -3.31 6.22
N LEU B 290 25.68 -3.30 4.93
CA LEU B 290 25.62 -2.09 4.14
C LEU B 290 24.19 -1.58 4.05
N LEU B 291 24.02 -0.27 4.20
CA LEU B 291 22.70 0.34 4.25
C LEU B 291 22.40 1.05 2.94
N LEU B 292 21.24 0.74 2.36
CA LEU B 292 20.78 1.38 1.12
C LEU B 292 19.39 1.94 1.36
N VAL B 293 19.21 3.22 1.10
CA VAL B 293 17.95 3.92 1.34
C VAL B 293 17.47 4.54 0.04
N ASP B 294 16.23 4.28 -0.32
CA ASP B 294 15.61 4.84 -1.51
C ASP B 294 14.60 5.90 -1.10
N GLU B 295 14.73 7.10 -1.67
CA GLU B 295 13.87 8.24 -1.33
C GLU B 295 13.96 8.56 0.16
N TRP B 296 15.16 8.99 0.58
CA TRP B 296 15.44 9.15 2.00
C TRP B 296 14.59 10.23 2.65
N GLY B 297 14.37 11.35 1.96
CA GLY B 297 13.75 12.48 2.60
C GLY B 297 12.57 13.09 1.86
N GLU B 298 11.73 12.25 1.25
CA GLU B 298 10.69 12.78 0.37
C GLU B 298 9.51 13.35 1.15
N GLU B 299 8.91 12.55 2.03
CA GLU B 299 7.67 12.93 2.70
C GLU B 299 7.89 13.57 4.06
N LEU B 300 9.09 14.08 4.32
CA LEU B 300 9.44 14.65 5.62
C LEU B 300 9.70 16.14 5.49
N ASP B 301 9.61 16.83 6.62
CA ASP B 301 9.86 18.26 6.67
C ASP B 301 11.32 18.54 7.00
N GLU B 302 11.66 19.82 7.19
CA GLU B 302 13.06 20.20 7.34
C GLU B 302 13.66 19.66 8.64
N ALA B 303 12.89 19.67 9.73
CA ALA B 303 13.42 19.23 11.01
C ALA B 303 13.80 17.75 11.00
N ARG B 304 12.94 16.91 10.41
CA ARG B 304 13.20 15.48 10.40
C ARG B 304 14.32 15.12 9.44
N ARG B 305 14.41 15.83 8.31
CA ARG B 305 15.44 15.53 7.32
C ARG B 305 16.84 15.73 7.88
N ARG B 306 17.02 16.82 8.64
CA ARG B 306 18.32 17.06 9.27
C ARG B 306 18.68 15.96 10.25
N ALA B 307 17.70 15.50 11.03
CA ALA B 307 17.95 14.43 11.98
C ALA B 307 18.35 13.14 11.28
N VAL B 308 17.64 12.80 10.20
CA VAL B 308 17.99 11.59 9.44
C VAL B 308 19.40 11.71 8.85
N LEU B 309 19.72 12.87 8.27
CA LEU B 309 21.01 13.06 7.65
C LEU B 309 22.14 13.06 8.67
N ALA B 310 21.87 13.56 9.88
CA ALA B 310 22.88 13.56 10.94
C ALA B 310 23.07 12.18 11.55
N TYR B 311 22.01 11.37 11.63
CA TYR B 311 22.17 10.02 12.11
C TYR B 311 22.91 9.15 11.10
N ALA B 312 22.63 9.34 9.81
CA ALA B 312 23.19 8.46 8.78
C ALA B 312 24.68 8.66 8.57
N GLN B 313 25.27 9.73 9.10
CA GLN B 313 26.66 10.04 8.82
C GLN B 313 27.64 9.34 9.77
N ALA B 314 27.14 8.70 10.82
CA ALA B 314 28.00 7.98 11.75
C ALA B 314 28.22 6.53 11.36
N LEU B 315 27.56 6.04 10.31
CA LEU B 315 27.69 4.66 9.86
C LEU B 315 28.94 4.48 9.01
N PRO B 316 29.51 3.27 9.00
CA PRO B 316 30.70 3.04 8.17
C PRO B 316 30.49 3.29 6.68
N GLN B 317 29.30 2.98 6.16
CA GLN B 317 29.02 3.20 4.76
C GLN B 317 27.50 3.21 4.55
N ALA B 318 27.03 4.16 3.75
CA ALA B 318 25.61 4.28 3.45
C ALA B 318 25.45 4.98 2.11
N ILE B 319 24.36 4.68 1.41
CA ILE B 319 24.05 5.29 0.13
C ILE B 319 22.59 5.74 0.16
N LEU B 320 22.36 7.01 -0.15
CA LEU B 320 21.03 7.60 -0.18
C LEU B 320 20.68 8.01 -1.61
N ALA B 321 19.40 7.90 -1.96
CA ALA B 321 18.95 8.27 -3.29
C ALA B 321 17.68 9.10 -3.18
N GLY B 322 17.46 9.94 -4.18
CA GLY B 322 16.31 10.80 -4.19
C GLY B 322 16.45 11.90 -5.23
N LEU B 323 15.40 12.72 -5.30
CA LEU B 323 15.37 13.79 -6.29
C LEU B 323 16.26 14.98 -5.93
N GLU B 324 16.63 15.13 -4.67
CA GLU B 324 17.39 16.28 -4.20
C GLU B 324 18.70 15.82 -3.58
N ALA B 325 19.69 16.73 -3.59
CA ALA B 325 21.03 16.40 -3.16
C ALA B 325 21.23 16.83 -1.71
N PRO B 326 21.64 15.94 -0.81
CA PRO B 326 21.95 16.37 0.55
C PRO B 326 23.12 17.33 0.55
N PRO B 327 23.17 18.26 1.50
CA PRO B 327 24.24 19.27 1.50
C PRO B 327 25.49 18.76 2.21
N GLY B 328 26.65 18.99 1.58
CA GLY B 328 27.93 18.67 2.18
C GLY B 328 28.47 17.29 1.89
N VAL B 329 27.77 16.47 1.11
CA VAL B 329 28.20 15.10 0.86
C VAL B 329 28.48 14.92 -0.64
N PRO B 330 29.37 14.02 -1.03
CA PRO B 330 29.60 13.78 -2.46
C PRO B 330 28.34 13.31 -3.15
N VAL B 331 28.14 13.77 -4.38
CA VAL B 331 26.90 13.56 -5.11
C VAL B 331 27.24 13.02 -6.50
N CYS B 332 26.58 11.92 -6.88
CA CYS B 332 26.64 11.38 -8.23
C CYS B 332 25.39 11.79 -8.99
N SER B 333 25.24 11.29 -10.22
CA SER B 333 24.07 11.63 -11.02
C SER B 333 23.74 10.48 -11.96
N VAL B 334 22.45 10.24 -12.15
CA VAL B 334 21.96 9.17 -13.02
C VAL B 334 21.14 9.81 -14.13
N VAL B 335 21.59 9.65 -15.37
CA VAL B 335 20.93 10.25 -16.53
C VAL B 335 20.68 9.13 -17.54
N ARG B 336 19.44 8.66 -17.62
CA ARG B 336 19.01 7.66 -18.59
C ARG B 336 19.78 6.35 -18.46
N GLY B 337 20.18 5.99 -17.24
CA GLY B 337 20.77 4.70 -16.98
C GLY B 337 22.27 4.67 -16.82
N VAL B 338 22.96 5.79 -17.06
CA VAL B 338 24.41 5.86 -16.94
C VAL B 338 24.76 6.78 -15.77
N VAL B 339 25.70 6.33 -14.94
CA VAL B 339 26.15 7.06 -13.75
C VAL B 339 27.48 7.72 -14.07
N LEU B 340 27.59 9.01 -13.80
CA LEU B 340 28.82 9.75 -14.03
C LEU B 340 29.10 10.67 -12.86
N CYS B 341 30.35 10.69 -12.39
CA CYS B 341 30.76 11.48 -11.25
C CYS B 341 31.97 12.34 -11.61
N PRO B 342 32.08 13.53 -11.03
CA PRO B 342 33.21 14.43 -11.28
C PRO B 342 34.35 14.27 -10.27
PG ANP E . 1.28 14.82 7.51
O1G ANP E . 2.26 15.50 6.60
O2G ANP E . 0.14 14.18 6.63
O3G ANP E . 2.04 13.70 8.31
PB ANP E . -1.03 16.02 8.54
O1B ANP E . -1.58 14.95 7.66
O2B ANP E . -1.45 17.41 7.98
N3B ANP E . 0.64 15.94 8.61
PA ANP E . -2.85 14.93 10.26
O1A ANP E . -4.13 15.56 9.88
O2A ANP E . -2.56 13.60 9.55
O3A ANP E . -1.62 15.89 9.97
O5' ANP E . -2.86 14.73 11.81
C5' ANP E . -1.91 13.87 12.45
C4' ANP E . -2.02 14.01 13.94
O4' ANP E . -3.40 14.16 14.31
C3' ANP E . -1.55 12.80 14.74
O3' ANP E . -0.15 12.84 14.95
C2' ANP E . -2.31 12.95 16.06
O2' ANP E . -1.55 13.71 17.00
C1' ANP E . -3.57 13.74 15.65
N9 ANP E . -4.81 12.96 15.74
C8 ANP E . -5.21 11.94 14.92
N7 ANP E . -6.38 11.43 15.24
C5 ANP E . -6.77 12.18 16.34
C6 ANP E . -7.92 12.13 17.15
N6 ANP E . -8.93 11.27 16.96
N1 ANP E . -8.01 13.02 18.16
C2 ANP E . -7.00 13.88 18.36
N3 ANP E . -5.87 14.01 17.66
C4 ANP E . -5.82 13.12 16.66
MG MG F . -1.51 13.40 5.79
PG ANP G . 11.45 7.14 -9.83
O1G ANP G . 11.66 8.47 -9.19
O2G ANP G . 11.64 6.01 -8.74
O3G ANP G . 9.97 7.10 -10.38
PB ANP G . 13.47 5.55 -10.94
O1B ANP G . 12.93 4.68 -9.85
O2B ANP G . 14.92 5.98 -10.60
N3B ANP G . 12.53 6.93 -11.11
PA ANP G . 13.26 3.18 -12.30
O1A ANP G . 14.46 2.45 -11.86
O2A ANP G . 12.01 2.88 -11.47
O3A ANP G . 13.48 4.75 -12.27
O5' ANP G . 13.03 2.82 -13.81
C5' ANP G . 11.88 3.35 -14.50
C4' ANP G . 12.06 3.16 -15.98
O4' ANP G . 12.68 1.89 -16.26
C3' ANP G . 10.75 3.18 -16.79
O3' ANP G . 10.92 3.93 -17.99
C2' ANP G . 10.50 1.70 -17.08
O2' ANP G . 9.77 1.51 -18.29
C1' ANP G . 11.93 1.19 -17.23
N9 ANP G . 12.09 -0.24 -17.00
C8 ANP G . 11.69 -0.96 -15.91
N7 ANP G . 11.96 -2.24 -15.99
C5 ANP G . 12.59 -2.37 -17.21
C6 ANP G . 13.14 -3.48 -17.89
N6 ANP G . 13.13 -4.72 -17.39
N1 ANP G . 13.70 -3.26 -19.09
C2 ANP G . 13.71 -2.02 -19.59
N3 ANP G . 13.24 -0.90 -19.04
C4 ANP G . 12.69 -1.14 -17.85
MG MG H . 11.77 4.07 -8.09
#